data_3WS5
#
_entry.id   3WS5
#
_cell.length_a   114.262
_cell.length_b   114.262
_cell.length_c   66.998
_cell.angle_alpha   90.00
_cell.angle_beta   90.00
_cell.angle_gamma   120.00
#
_symmetry.space_group_name_H-M   'P 31'
#
loop_
_entity.id
_entity.type
_entity.pdbx_description
1 polymer Beta-lactamase
2 non-polymer 'STRONTIUM ION'
3 non-polymer 'CHLORIDE ION'
4 non-polymer 'CALCIUM ION'
5 water water
#
_entity_poly.entity_id   1
_entity_poly.type   'polypeptide(L)'
_entity_poly.pdbx_seq_one_letter_code
;QDDASDRQTREVLDPIVASLMEAQQIPGMAIALVRPEGTTISHYGAADRETGTPVDDDTLFEIGSLSKTLTATLASLAEV
EGKLDFDAPVSRYLPELEGSAFDDISGLNLGTHTGGGLPLFVPDEVTDRASLMAWYREWQPTEPIGESRTYSNLGIGLLG
LETAASLDGEFVPTMRAKVLAPLGMQDTWYDVPEARMADYAMGEDKDGQPTRVSPGVLDDEAYGIKTTAADLAKLVRANL
HLADVDAELQQAIDATRQGHYRVGDMTQALIWEQYSLPVAPETLRAGQGYDMILEPNAAEALEPPQSPRDDVWVNKTGST
QGFGGYIVMLPGKHTGLVMLANKNYPNDARVEAAYRILSGLGAIDVP
;
_entity_poly.pdbx_strand_id   A,B,C
#
loop_
_chem_comp.id
_chem_comp.type
_chem_comp.name
_chem_comp.formula
CA non-polymer 'CALCIUM ION' 'Ca 2'
CL non-polymer 'CHLORIDE ION' 'Cl -1'
SR non-polymer 'STRONTIUM ION' 'Sr 2'
#
# COMPACT_ATOMS: atom_id res chain seq x y z
N GLN A 8 25.65 -22.20 3.25
CA GLN A 8 26.00 -20.81 2.78
C GLN A 8 25.64 -19.77 3.85
N THR A 9 24.66 -18.93 3.54
CA THR A 9 23.89 -18.23 4.53
C THR A 9 23.39 -19.24 5.55
N ARG A 10 22.81 -20.31 5.07
CA ARG A 10 22.26 -21.33 5.96
C ARG A 10 23.29 -21.87 6.96
N GLU A 11 24.56 -21.94 6.56
CA GLU A 11 25.62 -22.47 7.43
C GLU A 11 25.90 -21.49 8.57
N VAL A 12 25.76 -20.21 8.29
CA VAL A 12 25.92 -19.19 9.33
C VAL A 12 24.69 -19.22 10.23
N LEU A 13 23.53 -19.24 9.59
CA LEU A 13 22.28 -18.99 10.26
C LEU A 13 21.77 -20.13 11.14
N ASP A 14 21.80 -21.36 10.60
CA ASP A 14 21.14 -22.52 11.21
C ASP A 14 21.62 -22.88 12.64
N PRO A 15 22.94 -22.87 12.88
CA PRO A 15 23.34 -23.18 14.26
C PRO A 15 23.05 -22.12 15.32
N ILE A 16 23.06 -20.86 14.93
CA ILE A 16 22.67 -19.78 15.83
C ILE A 16 21.19 -19.85 16.21
N VAL A 17 20.32 -20.15 15.24
CA VAL A 17 18.91 -20.31 15.53
C VAL A 17 18.65 -21.59 16.33
N ALA A 18 19.45 -22.61 16.09
CA ALA A 18 19.27 -23.88 16.81
C ALA A 18 19.66 -23.65 18.28
N SER A 19 20.79 -22.98 18.46
CA SER A 19 21.21 -22.61 19.79
C SER A 19 20.18 -21.66 20.51
N LEU A 20 19.66 -20.65 19.78
CA LEU A 20 18.63 -19.76 20.32
C LEU A 20 17.37 -20.50 20.71
N MET A 21 16.89 -21.37 19.81
CA MET A 21 15.68 -22.14 20.08
C MET A 21 15.81 -23.14 21.25
N GLU A 22 17.03 -23.59 21.53
CA GLU A 22 17.26 -24.51 22.61
C GLU A 22 17.36 -23.76 23.91
N ALA A 23 18.17 -22.71 23.90
CA ALA A 23 18.46 -21.91 25.07
C ALA A 23 17.18 -21.28 25.57
N GLN A 24 16.31 -20.84 24.66
CA GLN A 24 15.06 -20.18 25.07
C GLN A 24 13.80 -21.07 25.01
N GLN A 25 13.93 -22.31 24.56
CA GLN A 25 12.82 -23.23 24.40
C GLN A 25 11.72 -22.69 23.51
N ILE A 26 12.11 -22.29 22.32
CA ILE A 26 11.15 -21.73 21.37
C ILE A 26 10.68 -22.88 20.53
N PRO A 27 9.38 -23.04 20.41
CA PRO A 27 8.82 -24.13 19.61
C PRO A 27 9.16 -23.98 18.13
N GLY A 28 8.91 -22.80 17.60
CA GLY A 28 9.08 -22.56 16.19
C GLY A 28 9.45 -21.13 15.88
N MET A 29 10.17 -20.98 14.77
CA MET A 29 10.57 -19.69 14.23
C MET A 29 10.48 -19.69 12.72
N ALA A 30 10.27 -18.52 12.18
CA ALA A 30 10.42 -18.28 10.76
C ALA A 30 11.31 -17.08 10.57
N ILE A 31 12.24 -17.18 9.62
CA ILE A 31 13.33 -16.24 9.49
C ILE A 31 13.52 -15.91 8.06
N ALA A 32 13.63 -14.63 7.78
CA ALA A 32 13.85 -14.16 6.45
C ALA A 32 15.08 -13.29 6.48
N LEU A 33 16.02 -13.54 5.58
CA LEU A 33 17.18 -12.67 5.42
C LEU A 33 17.15 -12.02 4.04
N VAL A 34 17.03 -10.68 4.05
CA VAL A 34 16.99 -9.90 2.82
C VAL A 34 18.39 -9.40 2.56
N ARG A 35 18.87 -9.66 1.35
CA ARG A 35 20.18 -9.22 0.89
C ARG A 35 20.13 -8.85 -0.57
N PRO A 36 21.13 -8.09 -1.06
CA PRO A 36 21.15 -7.84 -2.51
C PRO A 36 21.70 -9.11 -3.17
N GLU A 37 20.91 -9.80 -4.00
CA GLU A 37 21.19 -11.21 -4.49
C GLU A 37 20.00 -12.08 -4.15
N GLY A 38 19.29 -11.71 -3.09
CA GLY A 38 17.94 -12.20 -2.89
C GLY A 38 17.58 -12.46 -1.45
N THR A 39 16.42 -13.07 -1.27
CA THR A 39 15.88 -13.32 0.05
C THR A 39 15.98 -14.80 0.37
N THR A 40 16.45 -15.13 1.58
CA THR A 40 16.39 -16.48 2.09
C THR A 40 15.31 -16.61 3.24
N ILE A 41 14.29 -17.42 3.00
CA ILE A 41 13.29 -17.83 3.94
C ILE A 41 13.71 -19.15 4.61
N SER A 42 13.77 -19.17 5.93
CA SER A 42 14.06 -20.38 6.66
C SER A 42 13.01 -20.63 7.73
N HIS A 43 12.62 -21.88 7.89
CA HIS A 43 11.60 -22.25 8.90
C HIS A 43 12.16 -23.29 9.88
N TYR A 44 11.74 -23.20 11.13
CA TYR A 44 12.26 -24.06 12.14
C TYR A 44 11.18 -24.45 13.12
N GLY A 45 11.21 -25.71 13.53
CA GLY A 45 10.49 -26.17 14.70
C GLY A 45 9.01 -26.25 14.47
N ALA A 46 8.25 -26.24 15.55
CA ALA A 46 6.81 -26.51 15.46
C ALA A 46 6.01 -25.25 15.58
N ALA A 47 5.01 -25.12 14.71
CA ALA A 47 4.09 -24.00 14.83
C ALA A 47 3.23 -24.11 16.08
N ASP A 48 3.02 -25.36 16.53
CA ASP A 48 2.25 -25.62 17.77
C ASP A 48 2.95 -26.77 18.48
N ARG A 49 3.35 -26.53 19.72
CA ARG A 49 4.17 -27.49 20.45
C ARG A 49 3.40 -28.76 20.75
N GLU A 50 2.11 -28.60 21.02
CA GLU A 50 1.23 -29.74 21.31
C GLU A 50 1.08 -30.70 20.12
N THR A 51 0.72 -30.16 18.96
CA THR A 51 0.45 -30.97 17.79
C THR A 51 1.70 -31.39 17.06
N GLY A 52 2.73 -30.56 17.14
CA GLY A 52 4.00 -30.81 16.43
C GLY A 52 3.97 -30.43 14.96
N THR A 53 2.85 -29.87 14.50
CA THR A 53 2.77 -29.36 13.13
C THR A 53 3.93 -28.41 12.89
N PRO A 54 4.80 -28.71 11.93
CA PRO A 54 5.98 -27.85 11.64
C PRO A 54 5.63 -26.46 11.10
N VAL A 55 6.49 -25.49 11.40
CA VAL A 55 6.39 -24.20 10.79
C VAL A 55 6.72 -24.37 9.32
N ASP A 56 5.88 -23.79 8.45
CA ASP A 56 6.16 -23.77 7.01
C ASP A 56 5.81 -22.39 6.39
N ASP A 57 5.87 -22.34 5.04
CA ASP A 57 5.62 -21.12 4.29
CA ASP A 57 5.59 -21.14 4.24
C ASP A 57 4.28 -20.45 4.62
N ASP A 58 3.31 -21.22 5.10
CA ASP A 58 2.00 -20.67 5.38
C ASP A 58 1.73 -20.43 6.87
N THR A 59 2.70 -20.69 7.75
CA THR A 59 2.51 -20.44 9.17
C THR A 59 2.40 -18.92 9.54
N LEU A 60 1.32 -18.58 10.22
CA LEU A 60 1.03 -17.19 10.59
C LEU A 60 1.42 -16.88 12.05
N PHE A 61 2.19 -15.81 12.23
CA PHE A 61 2.69 -15.47 13.57
C PHE A 61 2.12 -14.15 13.99
N GLU A 62 1.74 -14.05 15.26
CA GLU A 62 1.43 -12.72 15.86
C GLU A 62 2.78 -12.02 15.93
N ILE A 63 2.80 -10.79 15.45
CA ILE A 63 3.96 -9.92 15.58
C ILE A 63 3.74 -8.78 16.64
N GLY A 64 2.54 -8.70 17.21
CA GLY A 64 2.23 -7.67 18.21
C GLY A 64 2.64 -6.23 17.84
N SER A 65 3.46 -5.63 18.67
CA SER A 65 3.96 -4.27 18.50
C SER A 65 4.66 -3.97 17.19
N LEU A 66 5.11 -5.01 16.47
CA LEU A 66 5.61 -4.83 15.12
C LEU A 66 4.58 -4.26 14.14
N SER A 67 3.31 -4.58 14.39
CA SER A 67 2.18 -3.97 13.67
C SER A 67 2.25 -2.45 13.56
N LYS A 68 2.90 -1.81 14.51
CA LYS A 68 2.98 -0.35 14.53
C LYS A 68 3.71 0.23 13.34
N THR A 69 4.62 -0.53 12.76
CA THR A 69 5.34 -0.03 11.59
C THR A 69 4.45 0.03 10.33
N LEU A 70 3.50 -0.86 10.24
CA LEU A 70 2.50 -0.81 9.20
C LEU A 70 1.59 0.39 9.36
N THR A 71 1.10 0.59 10.56
CA THR A 71 0.33 1.79 10.93
C THR A 71 1.06 3.12 10.57
N ALA A 72 2.34 3.16 10.83
CA ALA A 72 3.15 4.31 10.54
C ALA A 72 3.33 4.48 9.04
N THR A 73 3.50 3.37 8.32
CA THR A 73 3.68 3.42 6.88
C THR A 73 2.44 4.03 6.26
N LEU A 74 1.28 3.50 6.63
CA LEU A 74 0.02 4.04 6.08
C LEU A 74 -0.20 5.51 6.43
N ALA A 75 0.04 5.86 7.69
CA ALA A 75 0.05 7.28 8.07
C ALA A 75 0.93 8.15 7.15
N SER A 76 2.17 7.77 7.00
CA SER A 76 3.12 8.45 6.16
C SER A 76 2.65 8.53 4.70
N LEU A 77 1.89 7.52 4.24
CA LEU A 77 1.33 7.53 2.87
C LEU A 77 0.19 8.54 2.75
N ALA A 78 -0.61 8.70 3.77
CA ALA A 78 -1.60 9.80 3.78
C ALA A 78 -0.97 11.17 3.73
N GLU A 79 0.19 11.29 4.39
CA GLU A 79 0.96 12.53 4.35
C GLU A 79 1.52 12.83 2.97
N VAL A 80 2.11 11.82 2.32
CA VAL A 80 2.60 11.99 0.94
C VAL A 80 1.44 12.44 0.02
N GLU A 81 0.29 11.76 0.09
CA GLU A 81 -0.84 12.09 -0.76
C GLU A 81 -1.46 13.45 -0.45
N GLY A 82 -0.89 14.19 0.51
CA GLY A 82 -1.40 15.52 0.86
C GLY A 82 -2.69 15.52 1.63
N LYS A 83 -3.13 14.36 2.11
CA LYS A 83 -4.35 14.24 2.92
C LYS A 83 -4.13 14.39 4.43
N LEU A 84 -2.91 14.13 4.88
CA LEU A 84 -2.56 14.28 6.31
C LEU A 84 -1.29 15.15 6.46
N ASP A 85 -1.34 16.11 7.36
CA ASP A 85 -0.17 16.89 7.74
C ASP A 85 0.30 16.36 9.12
N PHE A 86 1.55 15.90 9.16
CA PHE A 86 2.08 15.33 10.37
C PHE A 86 2.18 16.35 11.51
N ASP A 87 2.40 17.62 11.15
CA ASP A 87 2.59 18.69 12.16
C ASP A 87 1.27 19.22 12.74
N ALA A 88 0.18 19.09 11.99
CA ALA A 88 -1.08 19.64 12.43
C ALA A 88 -1.64 18.90 13.62
N PRO A 89 -2.36 19.61 14.50
CA PRO A 89 -3.03 19.05 15.65
C PRO A 89 -3.89 17.87 15.27
N VAL A 90 -3.99 16.86 16.12
CA VAL A 90 -4.83 15.69 15.81
C VAL A 90 -6.34 16.06 15.70
N SER A 91 -6.82 16.98 16.55
CA SER A 91 -8.23 17.40 16.52
C SER A 91 -8.65 17.93 15.14
N ARG A 92 -7.67 18.28 14.33
CA ARG A 92 -8.00 18.75 12.96
C ARG A 92 -8.61 17.67 12.08
N TYR A 93 -8.19 16.42 12.19
CA TYR A 93 -8.78 15.35 11.39
C TYR A 93 -9.87 14.51 12.14
N LEU A 94 -9.78 14.61 13.46
CA LEU A 94 -10.72 14.08 14.38
C LEU A 94 -11.32 15.24 15.16
N PRO A 95 -12.28 15.96 14.57
CA PRO A 95 -12.79 17.18 15.25
C PRO A 95 -13.58 16.83 16.51
N GLU A 96 -13.99 15.57 16.64
CA GLU A 96 -14.60 15.09 17.91
C GLU A 96 -13.72 15.32 19.15
N LEU A 97 -12.47 15.69 18.92
CA LEU A 97 -11.49 15.91 20.00
C LEU A 97 -11.05 17.36 20.16
N GLU A 98 -11.74 18.27 19.49
CA GLU A 98 -11.50 19.73 19.65
C GLU A 98 -11.65 20.12 21.10
N GLY A 99 -10.83 21.04 21.56
CA GLY A 99 -10.87 21.48 22.96
C GLY A 99 -10.14 20.61 23.98
N SER A 100 -9.60 19.49 23.51
CA SER A 100 -8.82 18.56 24.34
C SER A 100 -7.35 18.78 24.09
N ALA A 101 -6.54 17.97 24.76
CA ALA A 101 -5.13 18.04 24.63
C ALA A 101 -4.58 17.83 23.20
N PHE A 102 -5.37 17.15 22.39
CA PHE A 102 -5.01 16.84 21.03
C PHE A 102 -5.13 18.00 20.04
N ASP A 103 -5.42 19.20 20.57
CA ASP A 103 -5.29 20.48 19.82
C ASP A 103 -3.84 20.87 19.79
N ASP A 104 -3.07 20.32 20.71
CA ASP A 104 -1.65 20.63 20.83
C ASP A 104 -0.71 19.47 20.50
N ILE A 105 -1.26 18.32 20.12
CA ILE A 105 -0.50 17.13 19.82
C ILE A 105 -0.67 16.77 18.33
N SER A 106 0.40 16.43 17.66
CA SER A 106 0.39 16.16 16.23
C SER A 106 0.47 14.69 15.93
N GLY A 107 0.25 14.31 14.67
CA GLY A 107 0.42 12.95 14.20
C GLY A 107 1.86 12.49 14.32
N LEU A 108 2.78 13.44 14.11
CA LEU A 108 4.23 13.18 14.25
C LEU A 108 4.56 12.76 15.67
N ASN A 109 3.96 13.49 16.61
CA ASN A 109 4.11 13.17 18.01
C ASN A 109 3.63 11.75 18.28
N LEU A 110 2.48 11.39 17.71
CA LEU A 110 1.89 10.05 17.94
C LEU A 110 2.79 8.92 17.35
N GLY A 111 3.38 9.15 16.16
CA GLY A 111 4.24 8.17 15.48
C GLY A 111 5.64 8.04 16.05
N THR A 112 6.02 8.99 16.91
CA THR A 112 7.32 8.95 17.59
C THR A 112 7.17 8.77 19.10
N HIS A 113 5.96 8.49 19.56
CA HIS A 113 5.62 8.37 20.99
C HIS A 113 5.96 9.60 21.83
N THR A 114 5.86 10.79 21.26
CA THR A 114 6.08 12.03 22.00
C THR A 114 4.79 12.85 22.22
N GLY A 115 3.68 12.14 22.35
CA GLY A 115 2.37 12.76 22.58
C GLY A 115 2.05 12.98 24.05
N GLY A 116 2.89 13.70 24.72
CA GLY A 116 2.52 14.27 26.01
C GLY A 116 2.37 13.29 27.15
N GLY A 117 2.99 12.15 27.01
CA GLY A 117 2.99 11.16 28.07
C GLY A 117 1.86 10.15 27.94
N LEU A 118 1.26 10.04 26.75
CA LEU A 118 0.15 9.09 26.55
C LEU A 118 0.56 7.69 26.99
N PRO A 119 -0.21 7.07 27.87
CA PRO A 119 0.19 5.82 28.48
C PRO A 119 0.35 4.71 27.53
N LEU A 120 1.00 3.65 28.03
CA LEU A 120 1.25 2.39 27.32
C LEU A 120 -0.03 1.68 26.91
N PHE A 121 -0.86 1.30 27.87
CA PHE A 121 -2.08 0.52 27.62
C PHE A 121 -3.39 1.29 27.60
N VAL A 122 -4.37 0.67 26.94
CA VAL A 122 -5.75 1.15 26.92
C VAL A 122 -6.30 0.82 28.29
N PRO A 123 -6.92 1.80 28.95
CA PRO A 123 -7.40 1.52 30.28
C PRO A 123 -8.60 0.58 30.23
N ASP A 124 -8.89 -0.13 31.32
CA ASP A 124 -10.02 -1.06 31.36
C ASP A 124 -11.38 -0.39 31.09
N GLU A 125 -11.58 0.79 31.66
CA GLU A 125 -12.80 1.54 31.48
C GLU A 125 -13.15 1.77 29.99
N VAL A 126 -12.13 1.89 29.14
CA VAL A 126 -12.35 2.07 27.69
C VAL A 126 -12.63 0.74 26.99
N THR A 127 -13.87 0.56 26.54
CA THR A 127 -14.34 -0.70 25.95
C THR A 127 -14.78 -0.60 24.50
N ASP A 128 -14.73 0.59 23.93
CA ASP A 128 -15.14 0.79 22.55
C ASP A 128 -14.64 2.16 22.07
N ARG A 129 -14.90 2.46 20.81
CA ARG A 129 -14.54 3.75 20.21
C ARG A 129 -15.12 4.97 20.94
N ALA A 130 -16.40 4.93 21.30
CA ALA A 130 -17.04 6.06 21.98
C ALA A 130 -16.44 6.34 23.36
N SER A 131 -16.32 5.30 24.19
CA SER A 131 -15.65 5.44 25.51
C SER A 131 -14.17 5.80 25.38
N LEU A 132 -13.56 5.41 24.27
CA LEU A 132 -12.19 5.78 23.96
C LEU A 132 -12.08 7.27 23.65
N MET A 133 -12.88 7.77 22.72
CA MET A 133 -12.80 9.16 22.30
C MET A 133 -13.10 10.01 23.48
N ALA A 134 -14.03 9.55 24.32
CA ALA A 134 -14.35 10.23 25.57
C ALA A 134 -13.15 10.29 26.50
N TRP A 135 -12.43 9.16 26.60
CA TRP A 135 -11.18 9.08 27.40
C TRP A 135 -10.11 10.06 26.85
N TYR A 136 -9.93 10.09 25.53
CA TYR A 136 -9.03 11.06 24.91
C TYR A 136 -9.37 12.53 25.25
N ARG A 137 -10.66 12.87 25.20
CA ARG A 137 -11.14 14.23 25.49
C ARG A 137 -10.79 14.72 26.91
N GLU A 138 -10.81 13.79 27.88
CA GLU A 138 -10.63 14.14 29.29
C GLU A 138 -9.19 14.19 29.70
N TRP A 139 -8.32 13.51 28.95
CA TRP A 139 -6.98 13.12 29.43
C TRP A 139 -6.08 14.30 29.48
N GLN A 140 -5.33 14.36 30.56
CA GLN A 140 -4.39 15.44 30.73
C GLN A 140 -2.92 14.98 30.60
N PRO A 141 -2.14 15.69 29.77
CA PRO A 141 -0.76 15.34 29.59
C PRO A 141 0.04 15.32 30.89
N THR A 142 1.03 14.43 30.97
CA THR A 142 1.86 14.27 32.16
C THR A 142 3.34 14.48 31.88
N GLU A 143 3.66 14.86 30.66
CA GLU A 143 5.03 15.07 30.22
C GLU A 143 5.00 16.10 29.08
N PRO A 144 6.08 16.86 28.90
CA PRO A 144 6.12 17.92 27.87
C PRO A 144 6.06 17.41 26.43
N ILE A 145 5.02 17.83 25.72
CA ILE A 145 4.77 17.39 24.38
C ILE A 145 5.94 17.68 23.53
N GLY A 146 6.40 16.67 22.80
CA GLY A 146 7.54 16.81 21.89
C GLY A 146 8.90 16.80 22.57
N GLU A 147 8.95 16.66 23.88
CA GLU A 147 10.21 16.68 24.58
C GLU A 147 10.43 15.42 25.43
N SER A 148 9.48 14.48 25.35
CA SER A 148 9.48 13.28 26.21
C SER A 148 8.81 12.11 25.50
N ARG A 149 9.45 10.94 25.51
CA ARG A 149 9.02 9.77 24.77
C ARG A 149 8.50 8.73 25.71
N THR A 150 7.26 8.34 25.51
CA THR A 150 6.67 7.24 26.25
C THR A 150 5.95 6.36 25.26
N TYR A 151 6.45 5.13 25.15
CA TYR A 151 5.94 4.11 24.28
C TYR A 151 4.48 3.88 24.59
N SER A 152 3.65 3.98 23.56
CA SER A 152 2.18 4.05 23.76
C SER A 152 1.38 3.33 22.69
N ASN A 153 0.51 2.44 23.12
CA ASN A 153 -0.47 1.90 22.21
C ASN A 153 -1.62 2.87 21.94
N LEU A 154 -2.05 3.58 22.99
CA LEU A 154 -3.05 4.67 22.87
C LEU A 154 -2.62 5.67 21.77
N GLY A 155 -1.33 5.97 21.69
CA GLY A 155 -0.84 6.98 20.73
C GLY A 155 -0.78 6.51 19.28
N ILE A 156 -0.17 5.38 19.03
CA ILE A 156 -0.03 4.87 17.69
C ILE A 156 -1.41 4.53 17.18
N GLY A 157 -2.25 4.05 18.09
CA GLY A 157 -3.61 3.72 17.72
C GLY A 157 -4.34 4.96 17.27
N LEU A 158 -4.14 6.04 18.01
CA LEU A 158 -4.77 7.31 17.66
C LEU A 158 -4.25 7.78 16.31
N LEU A 159 -2.96 7.58 16.06
CA LEU A 159 -2.44 7.85 14.72
C LEU A 159 -3.21 7.10 13.62
N GLY A 160 -3.60 5.86 13.88
CA GLY A 160 -4.29 5.05 12.90
C GLY A 160 -5.74 5.44 12.70
N LEU A 161 -6.40 5.90 13.76
CA LEU A 161 -7.74 6.55 13.66
C LEU A 161 -7.67 7.83 12.86
N GLU A 162 -6.68 8.66 13.15
CA GLU A 162 -6.49 9.91 12.46
C GLU A 162 -6.21 9.67 10.95
N THR A 163 -5.36 8.69 10.64
CA THR A 163 -5.00 8.39 9.28
C THR A 163 -6.22 7.90 8.52
N ALA A 164 -6.98 7.00 9.13
CA ALA A 164 -8.24 6.47 8.56
C ALA A 164 -9.18 7.58 8.24
N ALA A 165 -9.34 8.48 9.20
CA ALA A 165 -10.28 9.57 9.05
C ALA A 165 -9.88 10.40 7.85
N SER A 166 -8.58 10.71 7.75
CA SER A 166 -8.06 11.68 6.77
C SER A 166 -8.13 11.10 5.38
N LEU A 167 -8.15 9.76 5.28
CA LEU A 167 -8.30 9.07 4.00
C LEU A 167 -9.75 8.72 3.75
N ASP A 168 -10.61 9.09 4.69
CA ASP A 168 -12.05 8.88 4.57
C ASP A 168 -12.36 7.39 4.29
N GLY A 169 -11.83 6.53 5.16
CA GLY A 169 -12.09 5.07 5.08
C GLY A 169 -11.85 4.38 6.40
N GLU A 170 -12.14 3.08 6.50
CA GLU A 170 -11.85 2.34 7.75
C GLU A 170 -10.44 1.77 7.70
N PHE A 171 -9.87 1.56 8.89
CA PHE A 171 -8.45 1.23 9.03
C PHE A 171 -8.01 0.03 8.19
N VAL A 172 -8.56 -1.14 8.48
CA VAL A 172 -7.98 -2.36 7.93
C VAL A 172 -8.16 -2.52 6.42
N PRO A 173 -9.34 -2.16 5.86
CA PRO A 173 -9.44 -2.24 4.40
C PRO A 173 -8.59 -1.18 3.68
N THR A 174 -8.47 -0.01 4.29
CA THR A 174 -7.59 1.02 3.71
C THR A 174 -6.12 0.56 3.75
N MET A 175 -5.70 -0.02 4.88
CA MET A 175 -4.36 -0.60 5.01
C MET A 175 -4.14 -1.71 4.01
N ARG A 176 -5.19 -2.47 3.73
CA ARG A 176 -5.12 -3.58 2.81
C ARG A 176 -4.81 -3.13 1.39
N ALA A 177 -5.62 -2.19 0.92
CA ALA A 177 -5.52 -1.75 -0.44
C ALA A 177 -4.28 -0.90 -0.70
N LYS A 178 -3.86 -0.10 0.29
CA LYS A 178 -2.86 0.93 0.03
C LYS A 178 -1.44 0.57 0.42
N VAL A 179 -1.25 -0.38 1.33
CA VAL A 179 0.10 -0.80 1.75
C VAL A 179 0.30 -2.31 1.50
N LEU A 180 -0.59 -3.16 2.02
CA LEU A 180 -0.38 -4.61 1.99
C LEU A 180 -0.40 -5.18 0.61
N ALA A 181 -1.51 -4.98 -0.08
CA ALA A 181 -1.70 -5.50 -1.44
C ALA A 181 -0.61 -5.00 -2.41
N PRO A 182 -0.36 -3.68 -2.47
CA PRO A 182 0.74 -3.19 -3.34
C PRO A 182 2.12 -3.76 -3.05
N LEU A 183 2.40 -4.10 -1.78
CA LEU A 183 3.65 -4.76 -1.40
C LEU A 183 3.59 -6.28 -1.59
N GLY A 184 2.42 -6.81 -1.86
CA GLY A 184 2.27 -8.23 -2.13
C GLY A 184 2.16 -9.04 -0.86
N MET A 185 1.57 -8.45 0.16
CA MET A 185 1.52 -9.07 1.50
C MET A 185 0.15 -9.67 1.73
N GLN A 186 -0.08 -10.79 1.06
CA GLN A 186 -1.37 -11.48 1.09
C GLN A 186 -1.46 -12.52 2.19
N ASP A 187 -0.42 -12.71 2.94
CA ASP A 187 -0.50 -13.58 4.10
C ASP A 187 -0.58 -12.76 5.42
N THR A 188 -0.97 -11.48 5.35
CA THR A 188 -0.94 -10.57 6.47
C THR A 188 -2.39 -10.31 6.91
N TRP A 189 -2.72 -10.68 8.14
CA TRP A 189 -4.10 -10.63 8.60
C TRP A 189 -4.25 -9.90 9.91
N TYR A 190 -5.27 -9.09 9.98
CA TYR A 190 -5.72 -8.49 11.20
C TYR A 190 -6.69 -9.44 11.89
N ASP A 191 -7.62 -9.98 11.13
CA ASP A 191 -8.56 -10.99 11.67
CA ASP A 191 -8.58 -10.98 11.64
C ASP A 191 -8.40 -12.26 10.83
N VAL A 192 -7.86 -13.31 11.47
CA VAL A 192 -7.54 -14.51 10.75
C VAL A 192 -8.83 -15.23 10.33
N PRO A 193 -9.03 -15.37 9.01
CA PRO A 193 -10.15 -16.11 8.45
C PRO A 193 -10.19 -17.57 8.82
N GLU A 194 -11.40 -18.12 8.90
CA GLU A 194 -11.64 -19.52 9.30
C GLU A 194 -10.75 -20.53 8.58
N ALA A 195 -10.63 -20.34 7.28
CA ALA A 195 -9.86 -21.24 6.42
C ALA A 195 -8.39 -21.39 6.80
N ARG A 196 -7.79 -20.30 7.27
CA ARG A 196 -6.36 -20.27 7.62
C ARG A 196 -6.03 -20.64 9.08
N MET A 197 -7.04 -20.91 9.90
CA MET A 197 -6.80 -21.16 11.34
C MET A 197 -5.82 -22.29 11.63
N ALA A 198 -5.77 -23.28 10.75
CA ALA A 198 -4.80 -24.38 10.85
C ALA A 198 -3.35 -23.94 10.62
N ASP A 199 -3.15 -22.82 9.94
CA ASP A 199 -1.84 -22.23 9.73
C ASP A 199 -1.42 -21.28 10.87
N TYR A 200 -2.35 -20.98 11.78
CA TYR A 200 -2.12 -19.99 12.83
C TYR A 200 -1.33 -20.62 13.95
N ALA A 201 -0.07 -20.26 14.06
CA ALA A 201 0.80 -20.75 15.14
C ALA A 201 0.11 -20.58 16.52
N MET A 202 0.38 -21.50 17.44
CA MET A 202 -0.04 -21.35 18.80
C MET A 202 1.15 -20.73 19.53
N GLY A 203 0.88 -19.70 20.34
CA GLY A 203 1.92 -19.01 21.10
C GLY A 203 2.20 -19.64 22.44
N GLU A 204 3.28 -19.21 23.09
CA GLU A 204 3.72 -19.77 24.36
C GLU A 204 4.36 -18.68 25.25
N ASP A 205 3.79 -18.47 26.44
CA ASP A 205 4.29 -17.45 27.36
C ASP A 205 5.59 -17.91 28.07
N LYS A 206 6.07 -17.12 29.02
CA LYS A 206 7.34 -17.42 29.67
C LYS A 206 7.23 -18.51 30.75
N ASP A 207 6.00 -18.90 31.11
CA ASP A 207 5.80 -20.08 31.97
C ASP A 207 5.51 -21.35 31.17
N GLY A 208 5.56 -21.24 29.84
CA GLY A 208 5.35 -22.37 28.95
C GLY A 208 3.90 -22.69 28.64
N GLN A 209 2.97 -21.77 28.91
CA GLN A 209 1.55 -21.99 28.63
C GLN A 209 1.16 -21.58 27.20
N PRO A 210 0.29 -22.37 26.56
CA PRO A 210 -0.41 -21.93 25.35
C PRO A 210 -1.15 -20.62 25.55
N THR A 211 -0.99 -19.70 24.61
CA THR A 211 -1.69 -18.43 24.69
C THR A 211 -1.76 -17.82 23.29
N ARG A 212 -2.82 -17.05 23.09
CA ARG A 212 -3.20 -16.46 21.83
C ARG A 212 -3.78 -15.08 22.12
N VAL A 213 -3.43 -14.11 21.29
CA VAL A 213 -3.84 -12.72 21.58
C VAL A 213 -5.35 -12.60 21.59
N SER A 214 -5.88 -11.74 22.44
CA SER A 214 -7.32 -11.49 22.47
C SER A 214 -7.63 -10.17 21.76
N PRO A 215 -8.81 -10.07 21.13
CA PRO A 215 -9.24 -8.75 20.61
C PRO A 215 -9.31 -7.73 21.72
N GLY A 216 -9.12 -6.46 21.33
CA GLY A 216 -9.13 -5.31 22.23
C GLY A 216 -9.29 -4.03 21.43
N VAL A 217 -9.51 -2.90 22.11
CA VAL A 217 -9.71 -1.63 21.42
C VAL A 217 -8.37 -1.18 20.90
N LEU A 218 -8.39 -0.72 19.68
CA LEU A 218 -7.16 -0.39 18.91
C LEU A 218 -6.16 -1.56 18.64
N ASP A 219 -6.60 -2.81 18.75
CA ASP A 219 -5.72 -3.94 18.48
C ASP A 219 -5.15 -3.85 17.08
N ASP A 220 -5.97 -3.49 16.13
CA ASP A 220 -5.55 -3.42 14.74
C ASP A 220 -4.40 -2.42 14.59
N GLU A 221 -4.65 -1.23 15.08
CA GLU A 221 -3.72 -0.12 14.89
C GLU A 221 -2.40 -0.27 15.67
N ALA A 222 -2.44 -1.00 16.80
CA ALA A 222 -1.27 -1.15 17.72
C ALA A 222 -0.54 -2.52 17.68
N TYR A 223 -1.23 -3.65 17.67
CA TYR A 223 -0.52 -4.94 17.86
C TYR A 223 -1.15 -6.15 17.15
N GLY A 224 -2.01 -5.89 16.18
CA GLY A 224 -3.03 -6.87 15.79
C GLY A 224 -2.72 -7.79 14.64
N ILE A 225 -1.58 -7.58 13.95
CA ILE A 225 -1.27 -8.30 12.73
C ILE A 225 -0.78 -9.72 13.07
N LYS A 226 -1.24 -10.68 12.30
CA LYS A 226 -0.67 -12.00 12.22
C LYS A 226 -0.18 -12.21 10.77
N THR A 227 1.06 -12.63 10.60
CA THR A 227 1.66 -12.63 9.26
C THR A 227 2.84 -13.58 9.23
N THR A 228 3.41 -13.72 8.04
CA THR A 228 4.53 -14.58 7.80
C THR A 228 5.83 -13.80 7.76
N ALA A 229 6.94 -14.51 7.91
CA ALA A 229 8.25 -13.89 7.77
C ALA A 229 8.48 -13.30 6.38
N ALA A 230 8.03 -14.02 5.35
CA ALA A 230 8.20 -13.57 3.97
C ALA A 230 7.46 -12.29 3.68
N ASP A 231 6.24 -12.20 4.18
CA ASP A 231 5.47 -10.96 4.05
C ASP A 231 6.17 -9.75 4.65
N LEU A 232 6.70 -9.92 5.83
CA LEU A 232 7.46 -8.83 6.44
C LEU A 232 8.75 -8.55 5.66
N ALA A 233 9.36 -9.60 5.09
CA ALA A 233 10.56 -9.42 4.25
C ALA A 233 10.23 -8.50 3.08
N LYS A 234 9.00 -8.58 2.56
CA LYS A 234 8.52 -7.65 1.55
C LYS A 234 8.49 -6.19 2.00
N LEU A 235 8.15 -5.95 3.25
CA LEU A 235 8.19 -4.58 3.76
C LEU A 235 9.62 -4.12 3.90
N VAL A 236 10.44 -4.96 4.48
CA VAL A 236 11.81 -4.64 4.73
C VAL A 236 12.53 -4.46 3.40
N ARG A 237 12.25 -5.35 2.45
CA ARG A 237 12.77 -5.20 1.07
C ARG A 237 12.51 -3.79 0.46
N ALA A 238 11.28 -3.31 0.59
CA ALA A 238 10.90 -1.98 0.15
C ALA A 238 11.70 -0.92 0.88
N ASN A 239 11.78 -1.03 2.19
CA ASN A 239 12.59 -0.12 3.02
C ASN A 239 14.04 -0.04 2.57
N LEU A 240 14.59 -1.18 2.16
CA LEU A 240 15.98 -1.24 1.65
C LEU A 240 16.09 -0.94 0.17
N HIS A 241 14.98 -0.55 -0.45
CA HIS A 241 14.97 -0.24 -1.90
C HIS A 241 15.40 -1.42 -2.74
N LEU A 242 14.91 -2.61 -2.42
CA LEU A 242 15.12 -3.80 -3.26
C LEU A 242 13.80 -4.31 -3.83
N ALA A 243 12.72 -3.52 -3.67
CA ALA A 243 11.40 -3.90 -4.18
C ALA A 243 10.98 -3.04 -5.38
N ASP A 244 10.10 -3.61 -6.21
CA ASP A 244 9.44 -2.90 -7.32
C ASP A 244 8.12 -2.34 -6.78
N VAL A 245 8.16 -1.05 -6.46
CA VAL A 245 7.08 -0.43 -5.74
C VAL A 245 6.74 0.94 -6.31
N ASP A 246 5.45 1.29 -6.20
CA ASP A 246 4.89 2.59 -6.56
C ASP A 246 5.70 3.70 -5.94
N ALA A 247 5.83 4.81 -6.66
CA ALA A 247 6.78 5.81 -6.28
C ALA A 247 6.36 6.51 -5.00
N GLU A 248 5.07 6.81 -4.85
CA GLU A 248 4.51 7.43 -3.61
C GLU A 248 4.66 6.54 -2.37
N LEU A 249 4.33 5.25 -2.53
CA LEU A 249 4.46 4.28 -1.46
C LEU A 249 5.90 4.18 -1.03
N GLN A 250 6.81 4.22 -1.99
CA GLN A 250 8.23 4.17 -1.74
C GLN A 250 8.70 5.39 -1.02
N GLN A 251 8.16 6.57 -1.34
CA GLN A 251 8.53 7.77 -0.56
C GLN A 251 7.96 7.65 0.82
N ALA A 252 6.74 7.11 0.88
CA ALA A 252 6.01 6.97 2.15
C ALA A 252 6.80 6.10 3.09
N ILE A 253 7.31 4.99 2.54
CA ILE A 253 8.13 4.05 3.27
C ILE A 253 9.44 4.70 3.70
N ASP A 254 10.07 5.44 2.79
CA ASP A 254 11.35 6.16 3.10
C ASP A 254 11.17 7.18 4.20
N ALA A 255 10.07 7.90 4.12
CA ALA A 255 9.71 8.89 5.17
C ALA A 255 9.58 8.27 6.58
N THR A 256 9.25 6.99 6.67
CA THR A 256 9.15 6.35 7.97
C THR A 256 10.49 6.22 8.63
N ARG A 257 11.56 6.36 7.86
CA ARG A 257 12.94 6.21 8.41
C ARG A 257 13.66 7.54 8.69
N GLN A 258 12.92 8.64 8.60
CA GLN A 258 13.43 9.94 8.93
C GLN A 258 13.58 10.08 10.44
N GLY A 259 14.77 10.42 10.89
CA GLY A 259 15.01 10.64 12.30
C GLY A 259 14.31 11.88 12.77
N HIS A 260 13.42 11.73 13.76
CA HIS A 260 12.63 12.82 14.24
C HIS A 260 13.01 13.34 15.62
N TYR A 261 13.51 12.47 16.46
CA TYR A 261 13.96 12.87 17.76
C TYR A 261 15.16 12.05 18.24
N ARG A 262 16.01 12.66 19.04
CA ARG A 262 17.10 11.95 19.70
C ARG A 262 16.66 11.57 21.08
N VAL A 263 16.97 10.36 21.52
CA VAL A 263 16.52 9.84 22.83
C VAL A 263 17.69 9.09 23.39
N GLY A 264 18.65 9.83 23.93
CA GLY A 264 19.95 9.21 24.33
C GLY A 264 20.72 8.78 23.12
N ASP A 265 21.07 7.51 23.08
CA ASP A 265 21.78 6.96 21.90
C ASP A 265 20.87 6.58 20.73
N MET A 266 19.57 6.56 20.98
CA MET A 266 18.60 6.10 20.02
C MET A 266 18.01 7.26 19.23
N THR A 267 17.88 7.08 17.93
CA THR A 267 17.12 8.02 17.10
C THR A 267 15.73 7.46 16.73
N GLN A 268 14.70 8.21 17.11
CA GLN A 268 13.34 7.77 16.91
C GLN A 268 12.89 8.30 15.64
N ALA A 269 12.56 7.40 14.74
CA ALA A 269 12.05 7.79 13.43
C ALA A 269 10.55 7.59 13.54
N LEU A 270 9.88 7.27 12.46
CA LEU A 270 8.44 6.99 12.56
C LEU A 270 8.22 5.54 12.97
N ILE A 271 8.10 5.34 14.29
CA ILE A 271 8.05 4.02 14.94
C ILE A 271 9.36 3.19 14.83
N TRP A 272 9.93 3.05 13.62
CA TRP A 272 11.25 2.49 13.49
C TRP A 272 12.16 3.20 14.47
N GLU A 273 12.96 2.45 15.21
CA GLU A 273 13.98 3.03 16.10
C GLU A 273 15.36 2.77 15.46
N GLN A 274 16.30 3.71 15.54
CA GLN A 274 17.62 3.46 14.97
C GLN A 274 18.85 3.95 15.74
N TYR A 275 20.00 3.41 15.34
CA TYR A 275 21.29 3.72 15.95
C TYR A 275 22.37 3.92 14.89
N SER A 276 23.21 4.92 15.04
CA SER A 276 24.38 5.02 14.16
C SER A 276 25.40 3.92 14.40
N LEU A 277 26.04 3.47 13.32
CA LEU A 277 27.14 2.48 13.35
C LEU A 277 28.45 3.17 13.57
N PRO A 278 29.35 2.53 14.33
CA PRO A 278 29.17 1.23 15.02
C PRO A 278 28.36 1.40 16.31
N VAL A 279 27.63 0.36 16.66
CA VAL A 279 26.78 0.29 17.81
C VAL A 279 27.10 -1.02 18.57
N ALA A 280 27.13 -0.92 19.87
CA ALA A 280 27.40 -2.10 20.72
C ALA A 280 26.07 -2.79 21.06
N PRO A 281 26.07 -4.10 21.16
CA PRO A 281 24.86 -4.81 21.53
C PRO A 281 24.25 -4.29 22.82
N GLU A 282 25.08 -3.82 23.75
CA GLU A 282 24.53 -3.29 25.04
C GLU A 282 23.61 -2.12 24.77
N THR A 283 23.93 -1.31 23.78
CA THR A 283 23.15 -0.13 23.53
C THR A 283 21.80 -0.56 23.00
N LEU A 284 21.87 -1.59 22.16
CA LEU A 284 20.71 -2.19 21.58
C LEU A 284 19.85 -2.75 22.69
N ARG A 285 20.44 -3.48 23.63
CA ARG A 285 19.67 -4.04 24.77
CA ARG A 285 19.69 -4.04 24.77
C ARG A 285 19.03 -2.95 25.61
N ALA A 286 19.73 -1.84 25.84
CA ALA A 286 19.23 -0.74 26.58
C ALA A 286 17.97 -0.20 25.91
N GLY A 287 18.01 -0.09 24.59
CA GLY A 287 16.85 0.38 23.81
C GLY A 287 15.62 -0.52 23.85
N GLN A 288 15.80 -1.77 24.24
CA GLN A 288 14.65 -2.69 24.35
C GLN A 288 14.25 -2.97 25.79
N GLY A 289 14.82 -2.23 26.74
CA GLY A 289 14.70 -2.56 28.14
C GLY A 289 13.72 -1.68 28.88
N TYR A 290 13.47 -2.07 30.14
CA TYR A 290 12.55 -1.37 31.04
C TYR A 290 12.76 0.15 30.99
N ASP A 291 14.01 0.59 31.04
CA ASP A 291 14.35 2.01 31.12
C ASP A 291 13.85 2.75 29.91
N MET A 292 13.86 2.10 28.76
CA MET A 292 13.46 2.79 27.55
C MET A 292 11.94 2.67 27.27
N ILE A 293 11.40 1.48 27.55
CA ILE A 293 10.04 1.07 27.19
C ILE A 293 9.02 1.43 28.26
N LEU A 294 9.40 1.28 29.51
CA LEU A 294 8.46 1.47 30.62
C LEU A 294 8.69 2.76 31.42
N GLU A 295 9.52 3.66 30.90
CA GLU A 295 9.77 4.96 31.54
C GLU A 295 9.76 6.07 30.49
N PRO A 296 9.31 7.29 30.86
CA PRO A 296 9.44 8.41 29.96
C PRO A 296 10.94 8.80 29.79
N ASN A 297 11.35 9.07 28.57
CA ASN A 297 12.73 9.41 28.31
C ASN A 297 12.81 10.74 27.56
N ALA A 298 13.68 11.63 27.99
CA ALA A 298 13.86 12.90 27.31
C ALA A 298 14.12 12.74 25.81
N ALA A 299 13.37 13.48 25.02
CA ALA A 299 13.52 13.48 23.59
C ALA A 299 13.74 14.86 23.10
N GLU A 300 14.66 15.00 22.17
CA GLU A 300 14.94 16.28 21.55
C GLU A 300 14.69 16.25 20.06
N ALA A 301 13.82 17.13 19.59
CA ALA A 301 13.43 17.12 18.18
C ALA A 301 14.64 17.42 17.29
N LEU A 302 14.89 16.57 16.29
CA LEU A 302 16.00 16.83 15.36
C LEU A 302 15.62 17.97 14.44
N GLU A 303 16.43 19.04 14.46
CA GLU A 303 16.05 20.36 13.84
C GLU A 303 16.51 20.47 12.39
N PRO A 304 17.75 20.09 12.09
CA PRO A 304 17.88 19.66 10.70
C PRO A 304 17.26 18.26 10.67
N PRO A 305 16.01 18.14 10.19
CA PRO A 305 15.33 16.87 10.40
C PRO A 305 15.81 15.84 9.37
N GLN A 306 16.31 14.72 9.89
CA GLN A 306 17.27 13.88 9.18
C GLN A 306 16.63 13.08 8.06
N SER A 307 17.16 13.21 6.84
CA SER A 307 16.87 12.27 5.76
C SER A 307 17.30 10.89 6.19
N PRO A 308 16.69 9.83 5.62
CA PRO A 308 17.08 8.48 6.01
C PRO A 308 18.57 8.29 5.83
N ARG A 309 19.20 7.78 6.88
CA ARG A 309 20.62 7.56 6.87
C ARG A 309 20.96 6.17 6.32
N ASP A 310 22.20 6.04 5.88
CA ASP A 310 22.64 4.81 5.28
C ASP A 310 23.79 4.18 6.08
N ASP A 311 23.97 4.66 7.31
CA ASP A 311 25.06 4.15 8.19
C ASP A 311 24.45 3.84 9.57
N VAL A 312 23.35 3.09 9.56
CA VAL A 312 22.59 2.84 10.77
C VAL A 312 22.06 1.38 10.98
N TRP A 313 21.95 1.00 12.25
CA TRP A 313 21.13 -0.09 12.68
C TRP A 313 19.69 0.39 12.92
N VAL A 314 18.77 -0.04 12.07
CA VAL A 314 17.32 0.25 12.18
C VAL A 314 16.64 -1.03 12.64
N ASN A 315 15.85 -0.93 13.69
CA ASN A 315 15.22 -2.11 14.27
C ASN A 315 13.88 -1.86 14.95
N LYS A 316 13.18 -2.94 15.22
CA LYS A 316 11.87 -2.90 15.91
C LYS A 316 11.52 -4.27 16.45
N THR A 317 11.19 -4.27 17.74
CA THR A 317 10.74 -5.45 18.44
C THR A 317 9.22 -5.58 18.36
N GLY A 318 8.72 -6.78 18.50
CA GLY A 318 7.30 -7.01 18.54
C GLY A 318 7.06 -8.23 19.44
N SER A 319 6.19 -8.07 20.42
CA SER A 319 5.84 -9.16 21.26
C SER A 319 4.31 -9.18 21.49
N THR A 320 3.78 -10.39 21.69
CA THR A 320 2.53 -10.60 22.42
C THR A 320 2.86 -11.51 23.61
N GLN A 321 1.87 -11.91 24.37
CA GLN A 321 2.10 -12.80 25.48
C GLN A 321 2.74 -14.11 25.06
N GLY A 322 2.43 -14.57 23.87
CA GLY A 322 3.05 -15.83 23.39
C GLY A 322 3.96 -15.80 22.15
N PHE A 323 4.32 -14.60 21.68
CA PHE A 323 5.13 -14.45 20.48
C PHE A 323 6.22 -13.43 20.65
N GLY A 324 7.26 -13.58 19.86
CA GLY A 324 8.42 -12.70 19.95
C GLY A 324 9.09 -12.47 18.61
N GLY A 325 9.02 -11.22 18.13
CA GLY A 325 9.54 -10.90 16.82
C GLY A 325 10.56 -9.78 16.91
N TYR A 326 11.41 -9.69 15.88
CA TYR A 326 12.38 -8.66 15.75
C TYR A 326 12.75 -8.48 14.25
N ILE A 327 12.88 -7.21 13.81
CA ILE A 327 13.33 -6.85 12.49
C ILE A 327 14.54 -5.98 12.69
N VAL A 328 15.53 -6.20 11.85
CA VAL A 328 16.72 -5.34 11.83
C VAL A 328 17.00 -5.04 10.36
N MET A 329 17.32 -3.77 10.06
CA MET A 329 17.74 -3.33 8.72
C MET A 329 19.09 -2.56 8.85
N LEU A 330 20.02 -2.88 7.96
CA LEU A 330 21.24 -2.15 7.75
C LEU A 330 21.17 -1.53 6.34
N PRO A 331 20.59 -0.33 6.21
CA PRO A 331 20.36 0.26 4.90
C PRO A 331 21.62 0.42 4.05
N GLY A 332 22.76 0.67 4.67
CA GLY A 332 24.02 0.79 3.92
C GLY A 332 24.62 -0.50 3.36
N LYS A 333 24.20 -1.65 3.90
CA LYS A 333 24.55 -2.95 3.35
C LYS A 333 23.40 -3.59 2.61
N HIS A 334 22.31 -2.85 2.39
CA HIS A 334 21.08 -3.40 1.82
C HIS A 334 20.64 -4.76 2.39
N THR A 335 20.79 -4.86 3.71
CA THR A 335 20.60 -6.13 4.41
C THR A 335 19.58 -5.99 5.50
N GLY A 336 18.72 -7.00 5.63
CA GLY A 336 17.70 -7.06 6.69
C GLY A 336 17.44 -8.43 7.25
N LEU A 337 16.85 -8.49 8.44
CA LEU A 337 16.54 -9.74 9.12
C LEU A 337 15.14 -9.69 9.74
N VAL A 338 14.32 -10.70 9.50
CA VAL A 338 13.07 -10.85 10.15
C VAL A 338 13.14 -12.17 10.90
N MET A 339 12.97 -12.11 12.23
CA MET A 339 12.88 -13.33 13.02
C MET A 339 11.58 -13.31 13.77
N LEU A 340 10.74 -14.28 13.44
CA LEU A 340 9.52 -14.46 14.16
C LEU A 340 9.63 -15.70 14.98
N ALA A 341 9.05 -15.67 16.17
CA ALA A 341 9.03 -16.82 17.05
C ALA A 341 7.63 -16.93 17.70
N ASN A 342 7.20 -18.14 18.02
CA ASN A 342 5.95 -18.36 18.79
C ASN A 342 6.21 -18.57 20.29
N LYS A 343 7.17 -17.82 20.81
CA LYS A 343 7.42 -17.71 22.23
C LYS A 343 7.86 -16.30 22.48
N ASN A 344 7.38 -15.74 23.58
CA ASN A 344 7.81 -14.39 23.93
C ASN A 344 9.08 -14.55 24.69
N TYR A 345 10.20 -14.48 23.97
CA TYR A 345 11.47 -14.73 24.59
C TYR A 345 12.15 -13.35 24.74
N PRO A 346 13.05 -13.21 25.72
CA PRO A 346 13.63 -11.91 26.02
C PRO A 346 14.30 -11.16 24.87
N ASN A 347 14.18 -9.83 24.94
CA ASN A 347 14.70 -8.92 23.94
C ASN A 347 16.20 -9.01 23.84
N ASP A 348 16.92 -9.31 24.93
CA ASP A 348 18.38 -9.56 24.88
C ASP A 348 18.75 -10.70 23.97
N ALA A 349 17.94 -11.75 23.96
CA ALA A 349 18.23 -12.92 23.16
C ALA A 349 18.02 -12.57 21.71
N ARG A 350 17.13 -11.62 21.49
CA ARG A 350 16.80 -11.17 20.15
C ARG A 350 17.93 -10.38 19.57
N VAL A 351 18.39 -9.39 20.29
CA VAL A 351 19.47 -8.53 19.81
C VAL A 351 20.75 -9.37 19.59
N GLU A 352 21.03 -10.28 20.54
CA GLU A 352 22.25 -11.08 20.42
C GLU A 352 22.20 -11.98 19.22
N ALA A 353 21.04 -12.60 18.98
CA ALA A 353 20.93 -13.57 17.87
C ALA A 353 21.04 -12.84 16.57
N ALA A 354 20.36 -11.69 16.52
CA ALA A 354 20.46 -10.78 15.39
C ALA A 354 21.90 -10.38 15.13
N TYR A 355 22.58 -9.92 16.18
CA TYR A 355 23.96 -9.40 16.00
C TYR A 355 24.83 -10.51 15.48
N ARG A 356 24.74 -11.65 16.12
CA ARG A 356 25.53 -12.84 15.73
C ARG A 356 25.29 -13.24 14.30
N ILE A 357 24.04 -13.22 13.90
CA ILE A 357 23.69 -13.54 12.52
C ILE A 357 24.35 -12.58 11.54
N LEU A 358 24.13 -11.30 11.76
CA LEU A 358 24.60 -10.26 10.85
C LEU A 358 26.10 -10.04 10.87
N SER A 359 26.71 -10.26 12.01
CA SER A 359 28.15 -10.24 12.13
C SER A 359 28.78 -11.46 11.42
N GLY A 360 28.20 -12.64 11.63
CA GLY A 360 28.61 -13.86 10.96
C GLY A 360 28.52 -13.79 9.43
N LEU A 361 27.59 -12.97 8.95
CA LEU A 361 27.45 -12.73 7.54
C LEU A 361 28.39 -11.67 7.06
N GLY A 362 28.95 -10.88 7.99
CA GLY A 362 29.88 -9.77 7.65
C GLY A 362 29.19 -8.44 7.31
N ALA A 363 27.92 -8.35 7.65
CA ALA A 363 27.19 -7.09 7.48
C ALA A 363 27.53 -6.02 8.55
N ILE A 364 28.04 -6.47 9.69
CA ILE A 364 28.65 -5.65 10.75
C ILE A 364 30.12 -6.05 10.98
N GLN B 8 14.85 22.42 -14.90
CA GLN B 8 13.48 22.46 -15.32
C GLN B 8 12.89 23.79 -14.95
N THR B 9 11.86 23.73 -14.13
CA THR B 9 11.33 24.87 -13.44
C THR B 9 12.37 25.58 -12.58
N ARG B 10 13.07 24.82 -11.74
CA ARG B 10 14.07 25.37 -10.84
C ARG B 10 15.14 26.16 -11.57
N GLU B 11 15.47 25.76 -12.81
CA GLU B 11 16.48 26.44 -13.62
C GLU B 11 15.97 27.81 -14.04
N VAL B 12 14.69 27.91 -14.32
CA VAL B 12 14.09 29.19 -14.68
C VAL B 12 13.98 30.07 -13.43
N LEU B 13 13.48 29.45 -12.36
CA LEU B 13 13.04 30.16 -11.17
C LEU B 13 14.18 30.69 -10.28
N ASP B 14 15.19 29.84 -10.04
CA ASP B 14 16.22 30.12 -9.04
C ASP B 14 17.03 31.37 -9.25
N PRO B 15 17.43 31.65 -10.50
CA PRO B 15 18.24 32.87 -10.65
C PRO B 15 17.46 34.13 -10.60
N ILE B 16 16.20 34.09 -10.98
CA ILE B 16 15.31 35.27 -10.82
C ILE B 16 15.02 35.68 -9.37
N VAL B 17 14.75 34.70 -8.52
CA VAL B 17 14.58 35.02 -7.09
C VAL B 17 15.92 35.37 -6.43
N ALA B 18 17.02 34.81 -6.91
CA ALA B 18 18.34 35.12 -6.32
C ALA B 18 18.61 36.59 -6.63
N SER B 19 18.38 36.94 -7.88
CA SER B 19 18.57 38.31 -8.31
C SER B 19 17.60 39.26 -7.56
N LEU B 20 16.34 38.87 -7.42
CA LEU B 20 15.37 39.66 -6.66
C LEU B 20 15.79 39.86 -5.18
N MET B 21 16.18 38.78 -4.54
CA MET B 21 16.57 38.83 -3.14
C MET B 21 17.85 39.68 -2.89
N GLU B 22 18.72 39.77 -3.89
CA GLU B 22 19.93 40.55 -3.75
C GLU B 22 19.59 42.01 -3.98
N ALA B 23 18.85 42.28 -5.06
CA ALA B 23 18.49 43.64 -5.45
C ALA B 23 17.63 44.32 -4.39
N GLN B 24 16.73 43.56 -3.75
CA GLN B 24 15.86 44.15 -2.69
C GLN B 24 16.31 43.87 -1.23
N GLN B 25 17.39 43.09 -1.06
CA GLN B 25 17.89 42.68 0.25
C GLN B 25 16.79 41.97 1.05
N ILE B 26 16.24 40.92 0.46
CA ILE B 26 15.23 40.14 1.15
C ILE B 26 15.92 39.00 1.86
N PRO B 27 15.66 38.82 3.15
CA PRO B 27 16.26 37.73 3.89
C PRO B 27 15.83 36.35 3.39
N GLY B 28 14.52 36.15 3.24
CA GLY B 28 14.02 34.86 2.85
C GLY B 28 12.72 34.94 2.11
N MET B 29 12.49 33.89 1.31
CA MET B 29 11.31 33.77 0.50
C MET B 29 10.88 32.30 0.39
N ALA B 30 9.57 32.09 0.24
CA ALA B 30 9.02 30.80 -0.09
C ALA B 30 8.09 30.96 -1.25
N ILE B 31 8.20 30.02 -2.19
CA ILE B 31 7.65 30.21 -3.53
C ILE B 31 7.01 28.93 -3.95
N ALA B 32 5.77 29.03 -4.42
CA ALA B 32 5.03 27.88 -4.90
C ALA B 32 4.60 28.15 -6.30
N LEU B 33 4.89 27.23 -7.22
CA LEU B 33 4.39 27.32 -8.57
C LEU B 33 3.42 26.19 -8.81
N VAL B 34 2.17 26.54 -9.06
CA VAL B 34 1.09 25.59 -9.36
C VAL B 34 0.94 25.47 -10.86
N ARG B 35 1.00 24.25 -11.33
CA ARG B 35 0.85 23.93 -12.74
CA ARG B 35 0.86 23.94 -12.74
C ARG B 35 0.09 22.64 -12.90
N PRO B 36 -0.46 22.41 -14.10
CA PRO B 36 -1.13 21.12 -14.24
C PRO B 36 -0.18 19.94 -14.11
N GLU B 37 1.08 20.12 -14.46
CA GLU B 37 2.09 19.06 -14.25
C GLU B 37 2.28 18.83 -12.73
N GLY B 38 2.06 19.87 -11.92
CA GLY B 38 2.07 19.75 -10.47
C GLY B 38 2.65 20.96 -9.78
N THR B 39 2.78 20.86 -8.46
CA THR B 39 3.19 22.02 -7.67
C THR B 39 4.67 21.92 -7.34
N THR B 40 5.44 22.97 -7.55
CA THR B 40 6.84 23.05 -7.05
C THR B 40 7.01 24.08 -5.91
N ILE B 41 7.39 23.58 -4.73
CA ILE B 41 7.65 24.41 -3.56
C ILE B 41 9.16 24.69 -3.53
N SER B 42 9.53 25.97 -3.49
CA SER B 42 10.95 26.37 -3.35
C SER B 42 11.19 27.34 -2.22
N HIS B 43 12.30 27.13 -1.50
CA HIS B 43 12.61 27.95 -0.34
C HIS B 43 13.98 28.59 -0.50
N TYR B 44 14.11 29.82 -0.01
CA TYR B 44 15.32 30.58 -0.15
C TYR B 44 15.62 31.39 1.07
N GLY B 45 16.89 31.45 1.42
CA GLY B 45 17.40 32.43 2.38
C GLY B 45 17.03 32.12 3.79
N ALA B 46 17.05 33.16 4.62
CA ALA B 46 16.83 32.99 6.06
C ALA B 46 15.44 33.45 6.45
N ALA B 47 14.80 32.65 7.29
CA ALA B 47 13.53 33.07 7.88
C ALA B 47 13.71 34.22 8.89
N ASP B 48 14.88 34.29 9.50
CA ASP B 48 15.23 35.39 10.42
C ASP B 48 16.66 35.78 10.14
N ARG B 49 16.87 37.07 9.82
CA ARG B 49 18.19 37.53 9.39
C ARG B 49 19.23 37.48 10.51
N GLU B 50 18.77 37.74 11.73
CA GLU B 50 19.63 37.66 12.90
C GLU B 50 20.19 36.24 13.18
N THR B 51 19.29 35.26 13.25
CA THR B 51 19.65 33.89 13.63
C THR B 51 20.17 33.08 12.46
N GLY B 52 19.72 33.45 11.26
CA GLY B 52 20.11 32.72 10.04
C GLY B 52 19.36 31.41 9.82
N THR B 53 18.40 31.10 10.68
CA THR B 53 17.52 29.93 10.50
C THR B 53 16.96 29.99 9.07
N PRO B 54 17.24 28.96 8.24
CA PRO B 54 16.76 28.95 6.85
C PRO B 54 15.25 28.83 6.74
N VAL B 55 14.70 29.42 5.69
CA VAL B 55 13.31 29.16 5.35
C VAL B 55 13.18 27.69 4.93
N ASP B 56 12.18 27.01 5.48
CA ASP B 56 11.87 25.64 5.03
C ASP B 56 10.35 25.44 4.88
N ASP B 57 9.97 24.19 4.68
CA ASP B 57 8.57 23.78 4.53
CA ASP B 57 8.57 23.79 4.52
C ASP B 57 7.65 24.28 5.64
N ASP B 58 8.21 24.54 6.82
CA ASP B 58 7.39 24.88 7.96
C ASP B 58 7.35 26.36 8.25
N THR B 59 8.13 27.16 7.52
CA THR B 59 8.24 28.58 7.82
C THR B 59 6.93 29.33 7.57
N LEU B 60 6.46 30.02 8.59
CA LEU B 60 5.22 30.80 8.53
C LEU B 60 5.48 32.31 8.17
N PHE B 61 4.79 32.83 7.18
CA PHE B 61 4.96 34.19 6.77
C PHE B 61 3.64 34.99 7.00
N GLU B 62 3.77 36.23 7.46
CA GLU B 62 2.65 37.15 7.41
C GLU B 62 2.40 37.41 5.94
N ILE B 63 1.14 37.32 5.52
CA ILE B 63 0.69 37.71 4.18
C ILE B 63 -0.10 39.01 4.17
N GLY B 64 -0.40 39.55 5.36
CA GLY B 64 -1.16 40.81 5.45
C GLY B 64 -2.42 40.92 4.61
N SER B 65 -2.48 41.93 3.75
CA SER B 65 -3.60 42.20 2.86
C SER B 65 -4.04 41.02 2.00
N LEU B 66 -3.20 39.98 1.84
CA LEU B 66 -3.59 38.77 1.10
C LEU B 66 -4.64 38.04 1.85
N SER B 67 -4.65 38.20 3.19
CA SER B 67 -5.71 37.68 4.04
C SER B 67 -7.13 38.01 3.51
N LYS B 68 -7.28 39.13 2.84
CA LYS B 68 -8.58 39.57 2.36
C LYS B 68 -9.24 38.57 1.39
N THR B 69 -8.43 37.78 0.69
CA THR B 69 -8.98 36.79 -0.27
C THR B 69 -9.63 35.63 0.45
N LEU B 70 -9.12 35.30 1.61
CA LEU B 70 -9.75 34.29 2.44
C LEU B 70 -11.07 34.83 2.97
N THR B 71 -11.05 36.06 3.47
CA THR B 71 -12.25 36.74 3.96
C THR B 71 -13.38 36.75 2.87
N ALA B 72 -12.96 37.03 1.64
CA ALA B 72 -13.87 37.10 0.53
C ALA B 72 -14.37 35.71 0.15
N THR B 73 -13.50 34.71 0.18
CA THR B 73 -13.90 33.33 -0.04
C THR B 73 -14.98 32.89 0.94
N LEU B 74 -14.75 33.08 2.24
CA LEU B 74 -15.78 32.74 3.25
C LEU B 74 -17.09 33.49 3.05
N ALA B 75 -17.00 34.80 2.84
CA ALA B 75 -18.20 35.62 2.53
C ALA B 75 -19.00 34.99 1.40
N SER B 76 -18.30 34.68 0.31
CA SER B 76 -18.90 34.07 -0.89
C SER B 76 -19.53 32.72 -0.56
N LEU B 77 -18.98 32.00 0.41
CA LEU B 77 -19.53 30.70 0.80
C LEU B 77 -20.82 30.88 1.58
N ALA B 78 -20.90 31.91 2.44
CA ALA B 78 -22.17 32.22 3.12
C ALA B 78 -23.28 32.55 2.12
N GLU B 79 -22.88 33.21 1.03
CA GLU B 79 -23.80 33.55 -0.06
C GLU B 79 -24.30 32.30 -0.77
N VAL B 80 -23.38 31.38 -1.10
CA VAL B 80 -23.76 30.12 -1.74
C VAL B 80 -24.76 29.39 -0.84
N GLU B 81 -24.44 29.28 0.45
CA GLU B 81 -25.31 28.57 1.40
C GLU B 81 -26.66 29.29 1.68
N GLY B 82 -26.89 30.42 1.02
CA GLY B 82 -28.14 31.12 1.15
C GLY B 82 -28.29 31.87 2.45
N LYS B 83 -27.22 31.97 3.22
CA LYS B 83 -27.26 32.70 4.51
C LYS B 83 -26.93 34.18 4.37
N LEU B 84 -26.23 34.54 3.29
CA LEU B 84 -25.87 35.92 3.02
C LEU B 84 -26.24 36.30 1.59
N ASP B 85 -26.87 37.46 1.44
CA ASP B 85 -27.14 38.01 0.13
C ASP B 85 -26.16 39.15 -0.09
N PHE B 86 -25.36 39.05 -1.15
CA PHE B 86 -24.34 40.06 -1.43
C PHE B 86 -24.95 41.42 -1.78
N ASP B 87 -26.15 41.41 -2.37
CA ASP B 87 -26.80 42.64 -2.83
C ASP B 87 -27.56 43.37 -1.74
N ALA B 88 -27.95 42.65 -0.70
CA ALA B 88 -28.72 43.26 0.37
C ALA B 88 -27.86 44.22 1.22
N PRO B 89 -28.49 45.23 1.88
CA PRO B 89 -27.85 46.22 2.77
C PRO B 89 -27.17 45.61 3.96
N VAL B 90 -25.98 46.06 4.34
CA VAL B 90 -25.23 45.43 5.47
C VAL B 90 -25.96 45.45 6.83
N SER B 91 -26.69 46.53 7.11
CA SER B 91 -27.51 46.58 8.34
C SER B 91 -28.44 45.41 8.46
N ARG B 92 -28.66 44.77 7.32
CA ARG B 92 -29.20 43.44 7.14
C ARG B 92 -28.88 42.36 8.16
N TYR B 93 -27.62 41.87 8.15
CA TYR B 93 -27.22 40.85 9.06
C TYR B 93 -26.58 41.47 10.32
N LEU B 94 -26.30 42.77 10.27
CA LEU B 94 -25.83 43.55 11.43
C LEU B 94 -26.85 44.65 11.72
N PRO B 95 -27.97 44.28 12.34
CA PRO B 95 -29.02 45.28 12.63
C PRO B 95 -28.60 46.39 13.60
N GLU B 96 -27.54 46.17 14.37
CA GLU B 96 -26.90 47.25 15.17
C GLU B 96 -26.48 48.50 14.34
N LEU B 97 -26.55 48.38 13.01
CA LEU B 97 -26.19 49.47 12.08
C LEU B 97 -27.36 50.01 11.24
N GLU B 98 -28.59 49.63 11.58
CA GLU B 98 -29.78 50.21 10.93
C GLU B 98 -29.85 51.72 11.16
N GLY B 99 -30.36 52.46 10.19
CA GLY B 99 -30.38 53.94 10.24
C GLY B 99 -29.10 54.64 9.81
N SER B 100 -28.03 53.87 9.56
CA SER B 100 -26.73 54.39 9.15
C SER B 100 -26.58 54.24 7.64
N ALA B 101 -25.42 54.67 7.13
CA ALA B 101 -25.06 54.55 5.70
C ALA B 101 -25.11 53.11 5.17
N PHE B 102 -24.95 52.15 6.07
CA PHE B 102 -24.90 50.75 5.70
C PHE B 102 -26.27 50.13 5.39
N ASP B 103 -27.32 50.97 5.43
CA ASP B 103 -28.64 50.61 4.90
C ASP B 103 -28.61 50.70 3.39
N ASP B 104 -27.62 51.42 2.85
CA ASP B 104 -27.48 51.61 1.40
C ASP B 104 -26.22 50.96 0.80
N ILE B 105 -25.43 50.27 1.62
CA ILE B 105 -24.18 49.64 1.19
C ILE B 105 -24.31 48.12 1.32
N SER B 106 -23.90 47.40 0.28
CA SER B 106 -24.04 45.94 0.28
C SER B 106 -22.71 45.25 0.62
N GLY B 107 -22.79 43.95 0.87
CA GLY B 107 -21.60 43.10 1.04
C GLY B 107 -20.74 43.06 -0.22
N LEU B 108 -21.40 43.11 -1.37
CA LEU B 108 -20.72 43.17 -2.65
C LEU B 108 -19.86 44.43 -2.76
N ASN B 109 -20.42 45.54 -2.31
CA ASN B 109 -19.68 46.80 -2.24
C ASN B 109 -18.44 46.68 -1.37
N LEU B 110 -18.60 46.02 -0.23
CA LEU B 110 -17.50 45.83 0.72
C LEU B 110 -16.35 44.98 0.10
N GLY B 111 -16.71 43.91 -0.60
CA GLY B 111 -15.74 42.97 -1.20
C GLY B 111 -15.06 43.47 -2.47
N THR B 112 -15.59 44.56 -3.03
CA THR B 112 -15.02 45.17 -4.20
C THR B 112 -14.50 46.54 -3.90
N HIS B 113 -14.48 46.92 -2.63
CA HIS B 113 -14.06 48.25 -2.17
C HIS B 113 -14.85 49.39 -2.80
N THR B 114 -16.12 49.18 -3.05
CA THR B 114 -17.00 50.25 -3.55
C THR B 114 -18.07 50.75 -2.51
N GLY B 115 -17.73 50.68 -1.24
CA GLY B 115 -18.60 51.04 -0.15
C GLY B 115 -18.53 52.51 0.19
N GLY B 116 -18.77 53.37 -0.79
CA GLY B 116 -19.02 54.76 -0.48
C GLY B 116 -17.86 55.59 0.02
N GLY B 117 -16.65 55.12 -0.27
CA GLY B 117 -15.45 55.83 0.12
C GLY B 117 -14.92 55.45 1.50
N LEU B 118 -15.31 54.29 2.01
CA LEU B 118 -14.82 53.82 3.34
C LEU B 118 -13.29 53.88 3.36
N PRO B 119 -12.71 54.57 4.36
CA PRO B 119 -11.28 54.81 4.39
C PRO B 119 -10.43 53.52 4.49
N LEU B 120 -9.15 53.69 4.16
CA LEU B 120 -8.17 52.67 4.20
C LEU B 120 -8.04 52.07 5.61
N PHE B 121 -7.69 52.89 6.59
CA PHE B 121 -7.31 52.39 7.92
C PHE B 121 -8.39 52.55 8.96
N VAL B 122 -8.22 51.79 10.03
CA VAL B 122 -9.05 51.92 11.21
C VAL B 122 -8.58 53.18 11.94
N PRO B 123 -9.51 54.05 12.39
CA PRO B 123 -8.99 55.29 12.99
C PRO B 123 -8.55 55.03 14.40
N ASP B 124 -7.67 55.87 14.94
CA ASP B 124 -7.15 55.75 16.31
C ASP B 124 -8.23 55.70 17.40
N GLU B 125 -9.23 56.57 17.28
CA GLU B 125 -10.35 56.56 18.20
C GLU B 125 -11.04 55.19 18.37
N VAL B 126 -11.08 54.38 17.30
CA VAL B 126 -11.67 53.03 17.35
C VAL B 126 -10.70 52.00 17.95
N THR B 127 -11.02 51.54 19.15
CA THR B 127 -10.17 50.65 19.93
C THR B 127 -10.76 49.29 20.23
N ASP B 128 -12.01 49.06 19.83
CA ASP B 128 -12.69 47.80 20.08
C ASP B 128 -13.94 47.67 19.19
N ARG B 129 -14.64 46.54 19.30
CA ARG B 129 -15.84 46.27 18.50
C ARG B 129 -16.95 47.29 18.75
N ALA B 130 -17.15 47.68 20.01
CA ALA B 130 -18.21 48.65 20.34
C ALA B 130 -17.94 50.05 19.75
N SER B 131 -16.76 50.61 20.01
CA SER B 131 -16.37 51.89 19.43
C SER B 131 -16.34 51.83 17.89
N LEU B 132 -16.07 50.63 17.34
CA LEU B 132 -16.05 50.41 15.89
C LEU B 132 -17.47 50.49 15.31
N MET B 133 -18.40 49.76 15.92
CA MET B 133 -19.76 49.76 15.42
C MET B 133 -20.33 51.14 15.59
N ALA B 134 -19.92 51.84 16.64
CA ALA B 134 -20.30 53.25 16.83
C ALA B 134 -19.77 54.15 15.75
N TRP B 135 -18.51 53.94 15.39
CA TRP B 135 -17.90 54.64 14.26
C TRP B 135 -18.64 54.39 12.92
N TYR B 136 -18.93 53.13 12.64
CA TYR B 136 -19.72 52.80 11.45
C TYR B 136 -21.08 53.51 11.40
N ARG B 137 -21.76 53.58 12.55
CA ARG B 137 -23.10 54.24 12.68
C ARG B 137 -23.07 55.73 12.36
N GLU B 138 -21.98 56.40 12.69
CA GLU B 138 -21.87 57.84 12.44
C GLU B 138 -21.38 58.21 11.05
N TRP B 139 -20.69 57.28 10.37
CA TRP B 139 -19.78 57.63 9.27
C TRP B 139 -20.54 58.02 8.02
N GLN B 140 -20.09 59.10 7.38
CA GLN B 140 -20.75 59.63 6.21
C GLN B 140 -19.96 59.40 4.92
N PRO B 141 -20.61 58.79 3.91
CA PRO B 141 -19.94 58.50 2.65
C PRO B 141 -19.36 59.73 2.00
N THR B 142 -18.25 59.56 1.31
CA THR B 142 -17.55 60.67 0.68
C THR B 142 -17.39 60.46 -0.80
N GLU B 143 -17.97 59.38 -1.30
CA GLU B 143 -17.86 59.03 -2.71
C GLU B 143 -19.16 58.24 -3.08
N PRO B 144 -19.61 58.34 -4.34
CA PRO B 144 -20.81 57.63 -4.76
C PRO B 144 -20.72 56.10 -4.64
N ILE B 145 -21.58 55.53 -3.80
CA ILE B 145 -21.62 54.08 -3.59
C ILE B 145 -21.76 53.33 -4.88
N GLY B 146 -20.91 52.34 -5.11
CA GLY B 146 -20.98 51.51 -6.30
C GLY B 146 -20.42 52.18 -7.54
N GLU B 147 -19.90 53.40 -7.42
CA GLU B 147 -19.30 54.09 -8.58
C GLU B 147 -17.85 54.51 -8.38
N SER B 148 -17.30 54.19 -7.21
CA SER B 148 -15.97 54.68 -6.85
C SER B 148 -15.31 53.66 -5.94
N ARG B 149 -14.04 53.35 -6.23
CA ARG B 149 -13.30 52.31 -5.53
C ARG B 149 -12.27 52.96 -4.65
N THR B 150 -12.33 52.64 -3.36
CA THR B 150 -11.29 53.03 -2.40
C THR B 150 -10.96 51.80 -1.57
N TYR B 151 -9.72 51.35 -1.72
CA TYR B 151 -9.16 50.21 -0.98
C TYR B 151 -9.35 50.47 0.50
N SER B 152 -9.95 49.52 1.19
CA SER B 152 -10.35 49.74 2.58
C SER B 152 -10.18 48.49 3.47
N ASN B 153 -9.49 48.65 4.60
CA ASN B 153 -9.50 47.63 5.64
C ASN B 153 -10.78 47.67 6.44
N LEU B 154 -11.27 48.88 6.72
CA LEU B 154 -12.60 49.04 7.33
C LEU B 154 -13.69 48.23 6.57
N GLY B 155 -13.61 48.23 5.23
CA GLY B 155 -14.66 47.61 4.40
C GLY B 155 -14.64 46.10 4.32
N ILE B 156 -13.47 45.55 4.05
CA ILE B 156 -13.30 44.09 3.97
C ILE B 156 -13.51 43.52 5.36
N GLY B 157 -13.08 44.26 6.38
CA GLY B 157 -13.29 43.84 7.76
C GLY B 157 -14.79 43.79 8.06
N LEU B 158 -15.53 44.80 7.61
CA LEU B 158 -16.95 44.81 7.85
C LEU B 158 -17.60 43.64 7.14
N LEU B 159 -17.15 43.35 5.92
CA LEU B 159 -17.63 42.14 5.22
C LEU B 159 -17.44 40.86 6.06
N GLY B 160 -16.34 40.76 6.80
CA GLY B 160 -16.05 39.59 7.64
C GLY B 160 -16.90 39.52 8.91
N LEU B 161 -17.22 40.67 9.50
CA LEU B 161 -18.19 40.75 10.60
C LEU B 161 -19.57 40.30 10.12
N GLU B 162 -19.96 40.79 8.95
CA GLU B 162 -21.26 40.52 8.38
C GLU B 162 -21.43 39.03 8.09
N THR B 163 -20.36 38.46 7.51
CA THR B 163 -20.32 37.05 7.17
C THR B 163 -20.42 36.18 8.41
N ALA B 164 -19.62 36.50 9.44
CA ALA B 164 -19.67 35.85 10.76
C ALA B 164 -21.06 35.89 11.36
N ALA B 165 -21.66 37.08 11.35
CA ALA B 165 -22.97 37.27 11.92
C ALA B 165 -23.98 36.38 11.20
N SER B 166 -23.92 36.38 9.87
CA SER B 166 -24.89 35.68 9.07
C SER B 166 -24.76 34.16 9.19
N LEU B 167 -23.56 33.70 9.53
CA LEU B 167 -23.33 32.25 9.79
C LEU B 167 -23.46 31.91 11.27
N ASP B 168 -23.77 32.93 12.07
CA ASP B 168 -24.04 32.78 13.48
C ASP B 168 -22.87 32.10 14.22
N GLY B 169 -21.67 32.65 14.02
CA GLY B 169 -20.43 32.12 14.62
C GLY B 169 -19.33 33.17 14.67
N GLU B 170 -18.19 32.85 15.28
CA GLU B 170 -17.06 33.78 15.34
C GLU B 170 -16.21 33.64 14.08
N PHE B 171 -15.55 34.74 13.68
CA PHE B 171 -14.84 34.79 12.40
C PHE B 171 -13.81 33.65 12.20
N VAL B 172 -12.82 33.57 13.05
CA VAL B 172 -11.72 32.67 12.80
C VAL B 172 -12.05 31.16 12.88
N PRO B 173 -12.84 30.72 13.89
CA PRO B 173 -13.20 29.30 13.91
C PRO B 173 -14.15 28.92 12.77
N THR B 174 -15.02 29.85 12.37
CA THR B 174 -15.85 29.61 11.20
C THR B 174 -15.00 29.49 9.91
N MET B 175 -14.02 30.38 9.76
CA MET B 175 -13.08 30.36 8.62
C MET B 175 -12.30 29.09 8.61
N ARG B 176 -11.95 28.63 9.79
CA ARG B 176 -11.16 27.41 9.90
C ARG B 176 -11.92 26.18 9.40
N ALA B 177 -13.16 26.01 9.89
CA ALA B 177 -13.96 24.82 9.56
C ALA B 177 -14.46 24.81 8.12
N LYS B 178 -14.76 25.98 7.58
CA LYS B 178 -15.45 26.05 6.32
C LYS B 178 -14.60 26.32 5.10
N VAL B 179 -13.43 26.93 5.26
CA VAL B 179 -12.54 27.22 4.11
C VAL B 179 -11.16 26.59 4.28
N LEU B 180 -10.51 26.85 5.41
CA LEU B 180 -9.17 26.36 5.61
C LEU B 180 -9.06 24.82 5.66
N ALA B 181 -9.77 24.23 6.63
CA ALA B 181 -9.70 22.77 6.84
C ALA B 181 -10.11 21.97 5.57
N PRO B 182 -11.24 22.31 4.95
CA PRO B 182 -11.60 21.64 3.71
C PRO B 182 -10.59 21.76 2.60
N LEU B 183 -9.85 22.85 2.56
CA LEU B 183 -8.75 23.04 1.56
C LEU B 183 -7.41 22.35 1.98
N GLY B 184 -7.37 21.92 3.22
CA GLY B 184 -6.19 21.28 3.72
C GLY B 184 -5.12 22.26 4.15
N MET B 185 -5.56 23.44 4.62
CA MET B 185 -4.65 24.49 5.01
C MET B 185 -4.55 24.50 6.54
N GLN B 186 -3.79 23.55 7.06
CA GLN B 186 -3.53 23.43 8.50
C GLN B 186 -2.32 24.26 9.00
N ASP B 187 -1.53 24.84 8.10
CA ASP B 187 -0.39 25.66 8.50
C ASP B 187 -0.76 27.16 8.43
N THR B 188 -2.07 27.44 8.43
CA THR B 188 -2.58 28.78 8.21
C THR B 188 -3.15 29.23 9.52
N TRP B 189 -2.59 30.31 10.07
CA TRP B 189 -2.88 30.70 11.45
C TRP B 189 -3.29 32.14 11.46
N TYR B 190 -4.31 32.43 12.26
CA TYR B 190 -4.64 33.78 12.67
C TYR B 190 -3.81 34.14 13.91
N ASP B 191 -3.75 33.22 14.87
CA ASP B 191 -2.96 33.40 16.09
CA ASP B 191 -2.93 33.42 16.06
C ASP B 191 -1.93 32.29 16.16
N VAL B 192 -0.65 32.61 16.01
CA VAL B 192 0.39 31.57 16.00
C VAL B 192 0.62 30.99 17.40
N PRO B 193 0.39 29.66 17.55
CA PRO B 193 0.58 28.94 18.81
C PRO B 193 2.04 28.96 19.29
N GLU B 194 2.21 28.93 20.61
CA GLU B 194 3.53 28.93 21.23
C GLU B 194 4.53 27.97 20.60
N ALA B 195 4.06 26.76 20.32
CA ALA B 195 4.91 25.67 19.83
C ALA B 195 5.58 25.98 18.49
N ARG B 196 4.87 26.70 17.61
CA ARG B 196 5.36 26.99 16.26
C ARG B 196 6.15 28.25 16.17
N MET B 197 6.28 29.03 17.25
CA MET B 197 6.90 30.39 17.18
C MET B 197 8.30 30.39 16.58
N ALA B 198 9.01 29.28 16.74
CA ALA B 198 10.32 29.11 16.08
C ALA B 198 10.24 29.03 14.54
N ASP B 199 9.09 28.64 14.00
CA ASP B 199 8.90 28.60 12.55
C ASP B 199 8.43 29.93 11.99
N TYR B 200 8.12 30.87 12.89
CA TYR B 200 7.48 32.14 12.52
C TYR B 200 8.56 33.09 12.05
N ALA B 201 8.63 33.28 10.74
CA ALA B 201 9.63 34.17 10.18
C ALA B 201 9.64 35.51 10.92
N MET B 202 10.79 36.13 11.00
CA MET B 202 10.89 37.50 11.46
C MET B 202 10.85 38.41 10.23
N GLY B 203 10.06 39.48 10.29
CA GLY B 203 9.94 40.45 9.17
C GLY B 203 10.96 41.56 9.20
N GLU B 204 11.04 42.34 8.13
CA GLU B 204 12.00 43.43 8.00
C GLU B 204 11.40 44.59 7.18
N ASP B 205 11.34 45.79 7.75
CA ASP B 205 10.80 46.97 7.05
C ASP B 205 11.76 47.52 6.01
N LYS B 206 11.39 48.63 5.37
CA LYS B 206 12.20 49.23 4.31
C LYS B 206 13.42 49.97 4.84
N ASP B 207 13.50 50.20 6.14
CA ASP B 207 14.73 50.73 6.74
C ASP B 207 15.62 49.60 7.32
N GLY B 208 15.22 48.35 7.12
CA GLY B 208 16.01 47.20 7.54
C GLY B 208 15.80 46.80 8.99
N GLN B 209 14.75 47.29 9.64
CA GLN B 209 14.47 46.93 11.04
C GLN B 209 13.62 45.68 11.18
N PRO B 210 13.99 44.80 12.13
CA PRO B 210 13.07 43.73 12.54
C PRO B 210 11.66 44.28 12.89
N THR B 211 10.63 43.64 12.35
CA THR B 211 9.23 44.04 12.55
C THR B 211 8.31 42.85 12.46
N ARG B 212 7.28 42.85 13.30
CA ARG B 212 6.30 41.77 13.38
C ARG B 212 4.96 42.46 13.55
N VAL B 213 3.94 41.94 12.86
CA VAL B 213 2.63 42.59 12.90
C VAL B 213 2.08 42.65 14.32
N SER B 214 1.38 43.74 14.64
CA SER B 214 0.78 43.90 15.94
C SER B 214 -0.69 43.61 15.84
N PRO B 215 -1.30 43.11 16.91
CA PRO B 215 -2.76 43.07 16.94
C PRO B 215 -3.42 44.45 16.79
N GLY B 216 -4.66 44.45 16.29
CA GLY B 216 -5.44 45.65 16.02
C GLY B 216 -6.88 45.28 15.72
N VAL B 217 -7.76 46.27 15.65
CA VAL B 217 -9.16 46.04 15.32
C VAL B 217 -9.30 45.55 13.88
N LEU B 218 -10.09 44.50 13.69
CA LEU B 218 -10.26 43.83 12.39
C LEU B 218 -8.99 43.20 11.78
N ASP B 219 -7.95 42.96 12.59
CA ASP B 219 -6.73 42.34 12.04
C ASP B 219 -7.04 41.00 11.35
N ASP B 220 -7.91 40.20 11.96
CA ASP B 220 -8.22 38.87 11.44
C ASP B 220 -8.80 38.99 10.07
N GLU B 221 -9.80 39.87 9.98
CA GLU B 221 -10.58 39.99 8.75
C GLU B 221 -9.83 40.68 7.61
N ALA B 222 -8.89 41.57 7.93
CA ALA B 222 -8.18 42.38 6.92
C ALA B 222 -6.75 41.92 6.59
N TYR B 223 -5.95 41.55 7.59
CA TYR B 223 -4.54 41.32 7.30
C TYR B 223 -3.83 40.32 8.18
N GLY B 224 -4.58 39.46 8.85
CA GLY B 224 -4.09 38.75 10.03
C GLY B 224 -3.53 37.35 9.89
N ILE B 225 -3.57 36.81 8.68
CA ILE B 225 -3.11 35.44 8.45
C ILE B 225 -1.56 35.34 8.42
N LYS B 226 -1.03 34.30 9.07
CA LYS B 226 0.34 33.83 8.87
C LYS B 226 0.25 32.42 8.28
N THR B 227 0.95 32.17 7.19
CA THR B 227 0.83 30.88 6.55
C THR B 227 2.08 30.52 5.76
N THR B 228 2.07 29.32 5.16
CA THR B 228 3.12 28.87 4.28
C THR B 228 2.76 29.10 2.80
N ALA B 229 3.76 29.07 1.94
CA ALA B 229 3.53 29.15 0.48
C ALA B 229 2.68 28.00 -0.01
N ALA B 230 2.93 26.79 0.50
CA ALA B 230 2.20 25.58 0.08
C ALA B 230 0.73 25.68 0.43
N ASP B 231 0.42 26.17 1.64
CA ASP B 231 -0.97 26.38 2.00
C ASP B 231 -1.71 27.32 1.04
N LEU B 232 -1.10 28.42 0.69
CA LEU B 232 -1.70 29.34 -0.28
C LEU B 232 -1.79 28.68 -1.67
N ALA B 233 -0.84 27.80 -1.98
CA ALA B 233 -0.88 27.07 -3.24
C ALA B 233 -2.13 26.21 -3.29
N LYS B 234 -2.59 25.71 -2.14
CA LYS B 234 -3.86 24.99 -2.05
C LYS B 234 -5.04 25.85 -2.40
N LEU B 235 -5.02 27.12 -2.04
CA LEU B 235 -6.15 28.02 -2.39
C LEU B 235 -6.09 28.29 -3.88
N VAL B 236 -4.90 28.58 -4.37
CA VAL B 236 -4.72 28.90 -5.75
C VAL B 236 -5.07 27.68 -6.62
N ARG B 237 -4.59 26.51 -6.20
CA ARG B 237 -4.94 25.24 -6.83
C ARG B 237 -6.50 25.09 -7.01
N ALA B 238 -7.26 25.37 -5.95
CA ALA B 238 -8.74 25.38 -6.00
C ALA B 238 -9.32 26.39 -6.97
N ASN B 239 -8.86 27.61 -6.90
CA ASN B 239 -9.19 28.65 -7.88
C ASN B 239 -8.92 28.26 -9.34
N LEU B 240 -7.81 27.56 -9.60
CA LEU B 240 -7.48 27.05 -10.94
C LEU B 240 -8.16 25.72 -11.29
N HIS B 241 -9.02 25.23 -10.39
CA HIS B 241 -9.71 23.94 -10.59
C HIS B 241 -8.72 22.78 -10.74
N LEU B 242 -7.69 22.73 -9.90
CA LEU B 242 -6.79 21.58 -9.82
C LEU B 242 -6.88 20.87 -8.47
N ALA B 243 -7.87 21.25 -7.65
CA ALA B 243 -8.04 20.63 -6.34
C ALA B 243 -9.32 19.77 -6.31
N ASP B 244 -9.32 18.80 -5.40
CA ASP B 244 -10.47 17.92 -5.16
C ASP B 244 -11.26 18.51 -4.00
N VAL B 245 -12.29 19.28 -4.32
CA VAL B 245 -12.94 20.16 -3.34
C VAL B 245 -14.46 20.00 -3.40
N ASP B 246 -15.13 20.16 -2.26
CA ASP B 246 -16.59 20.06 -2.25
C ASP B 246 -17.20 21.10 -3.22
N ALA B 247 -18.37 20.78 -3.75
CA ALA B 247 -18.93 21.52 -4.88
C ALA B 247 -19.34 22.93 -4.52
N GLU B 248 -19.92 23.14 -3.33
CA GLU B 248 -20.32 24.48 -2.83
C GLU B 248 -19.10 25.40 -2.62
N LEU B 249 -18.07 24.88 -1.96
CA LEU B 249 -16.84 25.62 -1.72
C LEU B 249 -16.20 26.02 -3.05
N GLN B 250 -16.23 25.11 -4.01
CA GLN B 250 -15.67 25.35 -5.33
C GLN B 250 -16.45 26.42 -6.07
N GLN B 251 -17.78 26.44 -5.94
CA GLN B 251 -18.56 27.52 -6.56
C GLN B 251 -18.37 28.81 -5.79
N ALA B 252 -18.18 28.70 -4.45
CA ALA B 252 -17.86 29.86 -3.60
C ALA B 252 -16.56 30.52 -4.03
N ILE B 253 -15.53 29.69 -4.26
CA ILE B 253 -14.23 30.13 -4.74
C ILE B 253 -14.32 30.73 -6.13
N ASP B 254 -15.04 30.06 -7.03
CA ASP B 254 -15.24 30.56 -8.41
C ASP B 254 -15.98 31.90 -8.42
N ALA B 255 -17.01 32.04 -7.60
CA ALA B 255 -17.73 33.31 -7.43
C ALA B 255 -16.82 34.47 -7.01
N THR B 256 -15.70 34.18 -6.33
CA THR B 256 -14.77 35.26 -5.96
C THR B 256 -14.05 35.84 -7.16
N ARG B 257 -14.06 35.16 -8.30
CA ARG B 257 -13.39 35.62 -9.52
C ARG B 257 -14.34 36.24 -10.55
N GLN B 258 -15.58 36.49 -10.13
CA GLN B 258 -16.57 37.20 -10.96
C GLN B 258 -16.22 38.66 -11.02
N GLY B 259 -16.05 39.16 -12.24
CA GLY B 259 -15.78 40.60 -12.43
C GLY B 259 -17.00 41.38 -12.05
N HIS B 260 -16.85 42.26 -11.07
CA HIS B 260 -17.98 43.07 -10.59
C HIS B 260 -17.93 44.53 -11.02
N TYR B 261 -16.73 45.07 -11.21
CA TYR B 261 -16.58 46.43 -11.62
C TYR B 261 -15.36 46.61 -12.54
N ARG B 262 -15.47 47.55 -13.46
CA ARG B 262 -14.32 47.98 -14.23
C ARG B 262 -13.74 49.25 -13.61
N VAL B 263 -12.40 49.30 -13.53
CA VAL B 263 -11.68 50.38 -12.88
C VAL B 263 -10.46 50.65 -13.74
N GLY B 264 -10.68 51.39 -14.83
CA GLY B 264 -9.66 51.58 -15.85
C GLY B 264 -9.41 50.26 -16.53
N ASP B 265 -8.16 49.82 -16.54
CA ASP B 265 -7.81 48.54 -17.20
C ASP B 265 -8.02 47.34 -16.31
N MET B 266 -8.25 47.61 -15.02
CA MET B 266 -8.39 46.58 -14.02
C MET B 266 -9.84 46.18 -13.82
N THR B 267 -10.08 44.88 -13.75
CA THR B 267 -11.39 44.40 -13.34
C THR B 267 -11.33 43.96 -11.88
N GLN B 268 -12.18 44.57 -11.06
CA GLN B 268 -12.30 44.22 -9.67
C GLN B 268 -13.32 43.12 -9.47
N ALA B 269 -12.85 41.98 -8.99
CA ALA B 269 -13.70 40.84 -8.71
C ALA B 269 -13.94 40.88 -7.21
N LEU B 270 -14.14 39.75 -6.55
CA LEU B 270 -14.29 39.77 -5.11
C LEU B 270 -12.90 39.77 -4.43
N ILE B 271 -12.39 40.98 -4.13
CA ILE B 271 -11.00 41.23 -3.71
C ILE B 271 -9.97 40.89 -4.80
N TRP B 272 -10.04 39.71 -5.43
CA TRP B 272 -9.13 39.38 -6.52
C TRP B 272 -9.24 40.47 -7.56
N GLU B 273 -8.08 40.96 -8.05
CA GLU B 273 -8.05 42.00 -9.10
C GLU B 273 -7.57 41.32 -10.35
N GLN B 274 -8.14 41.64 -11.51
CA GLN B 274 -7.66 40.98 -12.76
C GLN B 274 -7.52 41.85 -14.01
N TYR B 275 -6.80 41.30 -15.00
CA TYR B 275 -6.53 41.98 -16.29
C TYR B 275 -6.64 41.02 -17.50
N SER B 276 -7.25 41.46 -18.59
CA SER B 276 -7.31 40.66 -19.79
C SER B 276 -5.94 40.50 -20.42
N LEU B 277 -5.67 39.30 -20.97
CA LEU B 277 -4.43 39.00 -21.72
C LEU B 277 -4.56 39.34 -23.20
N PRO B 278 -3.49 39.86 -23.83
CA PRO B 278 -2.20 40.17 -23.20
C PRO B 278 -2.23 41.44 -22.37
N VAL B 279 -1.37 41.48 -21.36
CA VAL B 279 -1.26 42.62 -20.46
C VAL B 279 0.23 43.01 -20.38
N ALA B 280 0.50 44.32 -20.36
CA ALA B 280 1.87 44.81 -20.18
C ALA B 280 2.21 44.96 -18.70
N PRO B 281 3.43 44.61 -18.29
CA PRO B 281 3.85 44.81 -16.89
C PRO B 281 3.61 46.20 -16.33
N GLU B 282 3.65 47.20 -17.18
CA GLU B 282 3.36 48.55 -16.76
C GLU B 282 1.94 48.71 -16.30
N THR B 283 0.99 48.01 -16.92
CA THR B 283 -0.43 48.13 -16.51
C THR B 283 -0.60 47.52 -15.12
N LEU B 284 0.12 46.41 -14.95
CA LEU B 284 0.19 45.71 -13.69
C LEU B 284 0.75 46.63 -12.61
N ARG B 285 1.84 47.33 -12.92
CA ARG B 285 2.42 48.28 -11.99
C ARG B 285 1.48 49.40 -11.62
N ALA B 286 0.76 49.89 -12.61
CA ALA B 286 -0.19 50.96 -12.39
C ALA B 286 -1.25 50.49 -11.36
N GLY B 287 -1.69 49.23 -11.50
CA GLY B 287 -2.65 48.65 -10.54
C GLY B 287 -2.17 48.50 -9.09
N GLN B 288 -0.85 48.53 -8.89
CA GLN B 288 -0.32 48.39 -7.55
C GLN B 288 0.28 49.66 -7.03
N GLY B 289 0.03 50.77 -7.71
CA GLY B 289 0.61 52.05 -7.34
C GLY B 289 -0.32 52.94 -6.50
N TYR B 290 0.23 54.05 -6.07
CA TYR B 290 -0.45 55.13 -5.32
C TYR B 290 -1.78 55.51 -5.92
N ASP B 291 -1.82 55.74 -7.24
CA ASP B 291 -3.03 56.18 -7.95
C ASP B 291 -4.18 55.19 -7.76
N MET B 292 -3.88 53.90 -7.72
CA MET B 292 -4.91 52.87 -7.63
C MET B 292 -5.26 52.51 -6.15
N ILE B 293 -4.25 52.46 -5.29
CA ILE B 293 -4.38 52.07 -3.88
C ILE B 293 -4.75 53.25 -2.92
N LEU B 294 -4.18 54.42 -3.12
CA LEU B 294 -4.31 55.52 -2.18
C LEU B 294 -5.24 56.66 -2.64
N GLU B 295 -5.94 56.42 -3.75
CA GLU B 295 -6.85 57.41 -4.33
C GLU B 295 -8.11 56.70 -4.71
N PRO B 296 -9.21 57.42 -4.71
CA PRO B 296 -10.44 56.83 -5.16
C PRO B 296 -10.41 56.75 -6.70
N ASN B 297 -10.92 55.68 -7.26
CA ASN B 297 -10.88 55.51 -8.69
C ASN B 297 -12.29 55.19 -9.19
N ALA B 298 -12.73 55.86 -10.26
CA ALA B 298 -14.02 55.60 -10.83
C ALA B 298 -14.22 54.11 -11.11
N ALA B 299 -15.32 53.56 -10.64
CA ALA B 299 -15.68 52.17 -10.89
C ALA B 299 -17.04 52.07 -11.54
N GLU B 300 -17.14 51.23 -12.56
CA GLU B 300 -18.41 51.07 -13.27
C GLU B 300 -18.85 49.62 -13.13
N ALA B 301 -20.03 49.41 -12.58
CA ALA B 301 -20.50 48.06 -12.29
C ALA B 301 -20.64 47.31 -13.62
N LEU B 302 -20.07 46.11 -13.69
CA LEU B 302 -20.22 45.28 -14.87
C LEU B 302 -21.63 44.71 -14.87
N GLU B 303 -21.99 44.02 -13.78
CA GLU B 303 -23.39 43.75 -13.44
C GLU B 303 -24.21 42.78 -14.39
N PRO B 304 -23.55 41.91 -15.21
CA PRO B 304 -24.41 40.71 -15.37
C PRO B 304 -24.56 39.93 -14.07
N PRO B 305 -23.45 39.57 -13.38
CA PRO B 305 -22.05 39.91 -13.59
C PRO B 305 -21.20 38.85 -14.30
N GLN B 306 -20.34 39.30 -15.21
CA GLN B 306 -19.22 38.52 -15.77
C GLN B 306 -18.83 37.25 -15.01
N SER B 307 -19.10 36.10 -15.62
CA SER B 307 -18.59 34.80 -15.12
C SER B 307 -17.07 34.81 -15.14
N PRO B 308 -16.43 34.02 -14.25
CA PRO B 308 -14.98 33.92 -14.28
C PRO B 308 -14.42 33.65 -15.69
N ARG B 309 -13.46 34.48 -16.10
CA ARG B 309 -12.85 34.38 -17.40
C ARG B 309 -11.63 33.46 -17.39
N ASP B 310 -11.24 32.98 -18.56
CA ASP B 310 -10.10 32.05 -18.70
C ASP B 310 -8.97 32.67 -19.53
N ASP B 311 -9.06 33.96 -19.77
CA ASP B 311 -8.06 34.66 -20.59
C ASP B 311 -7.56 35.88 -19.83
N VAL B 312 -7.17 35.67 -18.57
CA VAL B 312 -6.85 36.78 -17.66
C VAL B 312 -5.64 36.57 -16.71
N TRP B 313 -4.98 37.68 -16.40
CA TRP B 313 -4.07 37.77 -15.28
C TRP B 313 -4.84 38.19 -14.02
N VAL B 314 -4.95 37.26 -13.09
CA VAL B 314 -5.58 37.48 -11.79
C VAL B 314 -4.45 37.57 -10.77
N ASN B 315 -4.48 38.60 -9.94
CA ASN B 315 -3.47 38.76 -8.94
C ASN B 315 -3.92 39.45 -7.64
N LYS B 316 -3.05 39.44 -6.66
CA LYS B 316 -3.28 40.12 -5.40
C LYS B 316 -1.97 40.27 -4.63
N THR B 317 -1.74 41.49 -4.16
CA THR B 317 -0.60 41.84 -3.31
C THR B 317 -0.97 41.70 -1.84
N GLY B 318 0.02 41.42 -1.00
CA GLY B 318 -0.15 41.40 0.44
C GLY B 318 1.11 41.88 1.14
N SER B 319 0.95 42.85 2.02
CA SER B 319 2.09 43.38 2.72
C SER B 319 1.70 43.62 4.21
N THR B 320 2.68 43.45 5.07
CA THR B 320 2.69 44.06 6.39
C THR B 320 3.94 44.96 6.41
N GLN B 321 4.22 45.59 7.54
CA GLN B 321 5.40 46.42 7.65
C GLN B 321 6.66 45.64 7.37
N GLY B 322 6.69 44.34 7.66
CA GLY B 322 7.90 43.54 7.42
C GLY B 322 7.80 42.37 6.44
N PHE B 323 6.66 42.26 5.73
CA PHE B 323 6.44 41.12 4.82
C PHE B 323 5.85 41.59 3.52
N GLY B 324 6.10 40.79 2.49
CA GLY B 324 5.70 41.13 1.12
C GLY B 324 5.35 39.91 0.35
N GLY B 325 4.08 39.80 0.01
CA GLY B 325 3.58 38.66 -0.73
C GLY B 325 2.86 39.06 -2.00
N TYR B 326 2.77 38.10 -2.92
CA TYR B 326 2.06 38.30 -4.19
C TYR B 326 1.59 36.95 -4.71
N ILE B 327 0.35 36.92 -5.23
CA ILE B 327 -0.20 35.78 -5.89
C ILE B 327 -0.57 36.21 -7.28
N VAL B 328 -0.27 35.36 -8.27
CA VAL B 328 -0.71 35.53 -9.64
C VAL B 328 -1.29 34.23 -10.14
N MET B 329 -2.44 34.31 -10.84
CA MET B 329 -3.10 33.15 -11.45
C MET B 329 -3.41 33.43 -12.90
N LEU B 330 -3.09 32.46 -13.75
CA LEU B 330 -3.40 32.49 -15.16
C LEU B 330 -4.36 31.32 -15.42
N PRO B 331 -5.67 31.56 -15.22
CA PRO B 331 -6.65 30.47 -15.31
C PRO B 331 -6.57 29.69 -16.65
N GLY B 332 -6.26 30.37 -17.73
CA GLY B 332 -6.22 29.74 -19.05
C GLY B 332 -5.02 28.81 -19.28
N LYS B 333 -3.98 28.97 -18.49
CA LYS B 333 -2.84 28.06 -18.52
C LYS B 333 -2.81 27.15 -17.31
N HIS B 334 -3.86 27.18 -16.50
CA HIS B 334 -3.91 26.47 -15.19
C HIS B 334 -2.65 26.65 -14.36
N THR B 335 -2.14 27.87 -14.35
CA THR B 335 -0.86 28.18 -13.73
C THR B 335 -1.00 29.28 -12.69
N GLY B 336 -0.32 29.09 -11.57
CA GLY B 336 -0.28 30.10 -10.50
C GLY B 336 1.09 30.26 -9.84
N LEU B 337 1.29 31.41 -9.16
CA LEU B 337 2.53 31.69 -8.45
C LEU B 337 2.21 32.29 -7.11
N VAL B 338 2.83 31.78 -6.06
CA VAL B 338 2.76 32.38 -4.76
C VAL B 338 4.22 32.72 -4.38
N MET B 339 4.48 34.00 -4.13
CA MET B 339 5.77 34.41 -3.61
C MET B 339 5.56 35.12 -2.29
N LEU B 340 6.12 34.52 -1.24
CA LEU B 340 6.14 35.14 0.06
C LEU B 340 7.57 35.58 0.40
N ALA B 341 7.66 36.72 1.06
CA ALA B 341 8.94 37.30 1.44
C ALA B 341 8.82 37.91 2.85
N ASN B 342 9.89 37.85 3.63
CA ASN B 342 9.92 38.46 4.96
C ASN B 342 10.58 39.84 4.91
N LYS B 343 10.29 40.56 3.83
CA LYS B 343 10.61 41.94 3.69
C LYS B 343 9.51 42.58 2.90
N ASN B 344 9.12 43.78 3.29
CA ASN B 344 8.13 44.52 2.54
C ASN B 344 8.89 45.22 1.43
N TYR B 345 8.95 44.60 0.28
CA TYR B 345 9.67 45.12 -0.86
C TYR B 345 8.67 45.62 -1.88
N PRO B 346 9.06 46.58 -2.71
CA PRO B 346 8.11 47.25 -3.59
C PRO B 346 7.31 46.36 -4.55
N ASN B 347 6.10 46.82 -4.83
CA ASN B 347 5.18 46.15 -5.72
C ASN B 347 5.69 46.02 -7.12
N ASP B 348 6.50 46.98 -7.58
CA ASP B 348 7.13 46.87 -8.93
C ASP B 348 8.13 45.72 -9.08
N ALA B 349 8.77 45.37 -7.98
CA ALA B 349 9.66 44.27 -8.01
C ALA B 349 8.85 43.00 -8.05
N ARG B 350 7.66 43.06 -7.47
CA ARG B 350 6.81 41.88 -7.40
C ARG B 350 6.26 41.52 -8.77
N VAL B 351 5.65 42.51 -9.44
CA VAL B 351 5.07 42.25 -10.75
C VAL B 351 6.22 41.81 -11.69
N GLU B 352 7.37 42.48 -11.63
CA GLU B 352 8.44 42.17 -12.56
C GLU B 352 8.97 40.74 -12.37
N ALA B 353 9.17 40.33 -11.12
CA ALA B 353 9.69 38.98 -10.82
C ALA B 353 8.68 37.92 -11.24
N ALA B 354 7.40 38.18 -10.93
CA ALA B 354 6.27 37.36 -11.38
C ALA B 354 6.23 37.24 -12.91
N TYR B 355 6.29 38.38 -13.59
CA TYR B 355 6.21 38.35 -15.05
C TYR B 355 7.39 37.55 -15.67
N ARG B 356 8.62 37.84 -15.21
CA ARG B 356 9.85 37.14 -15.62
C ARG B 356 9.80 35.66 -15.39
N ILE B 357 9.26 35.27 -14.23
CA ILE B 357 9.09 33.85 -13.92
C ILE B 357 8.14 33.19 -14.93
N LEU B 358 6.95 33.77 -15.08
CA LEU B 358 5.89 33.18 -15.87
C LEU B 358 6.14 33.24 -17.39
N SER B 359 6.81 34.30 -17.85
CA SER B 359 7.25 34.34 -19.24
C SER B 359 8.37 33.34 -19.51
N GLY B 360 9.36 33.27 -18.61
CA GLY B 360 10.42 32.28 -18.67
C GLY B 360 9.93 30.83 -18.75
N LEU B 361 8.76 30.60 -18.13
CA LEU B 361 8.12 29.30 -18.17
C LEU B 361 7.28 29.14 -19.43
N GLY B 362 6.97 30.24 -20.11
CA GLY B 362 6.15 30.19 -21.33
C GLY B 362 4.65 30.26 -21.08
N ALA B 363 4.27 30.63 -19.85
CA ALA B 363 2.87 30.81 -19.50
C ALA B 363 2.25 32.10 -20.07
N ILE B 364 3.06 33.03 -20.54
CA ILE B 364 2.52 34.22 -21.21
C ILE B 364 2.94 34.18 -22.67
N ASP B 365 1.97 34.03 -23.57
CA ASP B 365 2.25 33.84 -25.00
C ASP B 365 2.65 35.17 -25.62
N VAL B 366 2.05 36.29 -25.16
CA VAL B 366 2.50 37.63 -25.59
C VAL B 366 2.82 38.52 -24.41
N GLN C 8 19.15 -53.93 -26.97
CA GLN C 8 17.87 -54.68 -26.76
C GLN C 8 16.65 -53.74 -26.87
N THR C 9 15.95 -53.55 -25.76
CA THR C 9 15.13 -52.37 -25.55
C THR C 9 15.93 -51.13 -25.85
N ARG C 10 17.13 -51.04 -25.28
CA ARG C 10 18.01 -49.90 -25.50
C ARG C 10 18.27 -49.60 -27.00
N GLU C 11 18.32 -50.64 -27.84
CA GLU C 11 18.54 -50.48 -29.28
C GLU C 11 17.34 -49.85 -29.96
N VAL C 12 16.17 -50.17 -29.46
CA VAL C 12 14.93 -49.53 -29.96
C VAL C 12 14.84 -48.08 -29.45
N LEU C 13 15.08 -47.93 -28.15
CA LEU C 13 14.82 -46.72 -27.44
C LEU C 13 15.81 -45.59 -27.72
N ASP C 14 17.10 -45.89 -27.67
CA ASP C 14 18.16 -44.86 -27.69
C ASP C 14 18.18 -43.93 -28.93
N PRO C 15 17.93 -44.46 -30.14
CA PRO C 15 18.02 -43.55 -31.26
C PRO C 15 16.82 -42.68 -31.42
N ILE C 16 15.65 -43.16 -30.97
CA ILE C 16 14.42 -42.35 -30.94
C ILE C 16 14.54 -41.17 -29.94
N VAL C 17 15.06 -41.43 -28.75
CA VAL C 17 15.28 -40.37 -27.82
C VAL C 17 16.39 -39.41 -28.26
N ALA C 18 17.41 -39.93 -28.94
CA ALA C 18 18.49 -39.07 -29.42
C ALA C 18 17.91 -38.14 -30.47
N SER C 19 17.10 -38.72 -31.34
CA SER C 19 16.45 -37.96 -32.40
C SER C 19 15.46 -36.92 -31.82
N LEU C 20 14.71 -37.34 -30.81
CA LEU C 20 13.78 -36.42 -30.14
C LEU C 20 14.51 -35.26 -29.46
N MET C 21 15.57 -35.60 -28.72
CA MET C 21 16.36 -34.57 -28.02
C MET C 21 17.07 -33.59 -28.96
N GLU C 22 17.37 -34.02 -30.17
CA GLU C 22 18.07 -33.19 -31.15
C GLU C 22 17.10 -32.32 -31.87
N ALA C 23 15.99 -32.92 -32.31
CA ALA C 23 14.93 -32.21 -33.01
C ALA C 23 14.30 -31.15 -32.12
N GLN C 24 14.14 -31.43 -30.82
CA GLN C 24 13.50 -30.45 -29.91
C GLN C 24 14.49 -29.66 -29.00
N GLN C 25 15.79 -29.98 -29.08
CA GLN C 25 16.80 -29.37 -28.26
C GLN C 25 16.51 -29.52 -26.78
N ILE C 26 16.28 -30.75 -26.38
CA ILE C 26 16.04 -31.03 -24.99
C ILE C 26 17.40 -31.30 -24.34
N PRO C 27 17.72 -30.59 -23.24
CA PRO C 27 18.95 -30.82 -22.50
C PRO C 27 19.05 -32.24 -21.97
N GLY C 28 18.02 -32.70 -21.27
CA GLY C 28 18.10 -33.99 -20.57
C GLY C 28 16.75 -34.65 -20.43
N MET C 29 16.79 -35.97 -20.39
CA MET C 29 15.59 -36.77 -20.22
C MET C 29 15.91 -37.97 -19.35
N ALA C 30 14.88 -38.45 -18.67
CA ALA C 30 14.93 -39.70 -17.96
C ALA C 30 13.70 -40.51 -18.35
N ILE C 31 13.91 -41.79 -18.58
CA ILE C 31 12.92 -42.62 -19.24
C ILE C 31 12.89 -43.94 -18.56
N ALA C 32 11.69 -44.42 -18.29
CA ALA C 32 11.49 -45.69 -17.65
C ALA C 32 10.55 -46.47 -18.48
N LEU C 33 10.92 -47.69 -18.81
CA LEU C 33 10.03 -48.57 -19.52
C LEU C 33 9.68 -49.77 -18.64
N VAL C 34 8.38 -49.89 -18.31
CA VAL C 34 7.87 -50.94 -17.43
C VAL C 34 7.33 -52.02 -18.32
N ARG C 35 7.81 -53.24 -18.08
CA ARG C 35 7.41 -54.41 -18.85
C ARG C 35 7.35 -55.60 -17.94
N PRO C 36 6.65 -56.67 -18.35
CA PRO C 36 6.68 -57.85 -17.50
C PRO C 36 8.04 -58.51 -17.40
N GLU C 37 8.87 -58.36 -18.43
CA GLU C 37 10.28 -58.81 -18.27
C GLU C 37 10.99 -57.95 -17.20
N GLY C 38 10.55 -56.70 -17.01
CA GLY C 38 11.05 -55.81 -15.94
C GLY C 38 11.12 -54.34 -16.34
N THR C 39 11.75 -53.55 -15.49
CA THR C 39 11.83 -52.10 -15.71
C THR C 39 13.21 -51.67 -16.18
N THR C 40 13.27 -50.89 -17.26
CA THR C 40 14.51 -50.31 -17.73
C THR C 40 14.52 -48.79 -17.52
N ILE C 41 15.44 -48.32 -16.70
CA ILE C 41 15.67 -46.90 -16.45
C ILE C 41 16.79 -46.40 -17.36
N SER C 42 16.51 -45.37 -18.14
CA SER C 42 17.53 -44.80 -19.03
C SER C 42 17.62 -43.28 -18.84
N HIS C 43 18.84 -42.77 -18.90
CA HIS C 43 19.10 -41.34 -18.72
C HIS C 43 19.89 -40.77 -19.88
N TYR C 44 19.61 -39.52 -20.18
CA TYR C 44 20.22 -38.87 -21.31
C TYR C 44 20.48 -37.39 -21.01
N GLY C 45 21.62 -36.90 -21.48
CA GLY C 45 21.88 -35.49 -21.57
C GLY C 45 22.16 -34.86 -20.25
N ALA C 46 21.98 -33.54 -20.20
CA ALA C 46 22.30 -32.76 -19.00
C ALA C 46 21.06 -32.40 -18.19
N ALA C 47 21.17 -32.58 -16.88
CA ALA C 47 20.11 -32.10 -15.96
C ALA C 47 20.03 -30.58 -15.91
N ASP C 48 21.15 -29.92 -16.18
CA ASP C 48 21.21 -28.43 -16.25
C ASP C 48 22.12 -28.05 -17.41
N ARG C 49 21.60 -27.28 -18.36
CA ARG C 49 22.35 -27.02 -19.59
C ARG C 49 23.56 -26.13 -19.31
N GLU C 50 23.39 -25.22 -18.35
CA GLU C 50 24.45 -24.31 -17.91
C GLU C 50 25.67 -25.02 -17.30
N THR C 51 25.42 -25.90 -16.33
CA THR C 51 26.46 -26.62 -15.62
C THR C 51 26.96 -27.86 -16.36
N GLY C 52 26.11 -28.47 -17.17
CA GLY C 52 26.44 -29.72 -17.86
C GLY C 52 26.36 -30.97 -16.99
N THR C 53 25.97 -30.81 -15.73
CA THR C 53 25.69 -31.93 -14.83
C THR C 53 24.76 -32.93 -15.52
N PRO C 54 25.23 -34.18 -15.73
CA PRO C 54 24.41 -35.19 -16.43
C PRO C 54 23.19 -35.61 -15.65
N VAL C 55 22.12 -35.96 -16.34
CA VAL C 55 20.99 -36.64 -15.72
C VAL C 55 21.44 -38.03 -15.24
N ASP C 56 21.10 -38.36 -13.99
CA ASP C 56 21.34 -39.69 -13.45
C ASP C 56 20.14 -40.21 -12.68
N ASP C 57 20.29 -41.41 -12.08
CA ASP C 57 19.21 -42.13 -11.37
C ASP C 57 18.39 -41.25 -10.38
N ASP C 58 19.01 -40.23 -9.80
CA ASP C 58 18.34 -39.47 -8.79
C ASP C 58 18.08 -37.97 -9.19
N THR C 59 18.30 -37.64 -10.47
CA THR C 59 17.91 -36.31 -10.97
C THR C 59 16.38 -36.13 -10.80
N LEU C 60 15.98 -35.02 -10.20
CA LEU C 60 14.59 -34.76 -9.92
C LEU C 60 14.00 -33.86 -11.01
N PHE C 61 12.86 -34.25 -11.56
CA PHE C 61 12.20 -33.46 -12.60
C PHE C 61 10.86 -32.93 -12.10
N GLU C 62 10.52 -31.69 -12.46
CA GLU C 62 9.17 -31.23 -12.31
C GLU C 62 8.36 -32.04 -13.30
N ILE C 63 7.23 -32.57 -12.84
CA ILE C 63 6.25 -33.24 -13.71
C ILE C 63 4.98 -32.39 -13.91
N GLY C 64 4.89 -31.26 -13.21
CA GLY C 64 3.71 -30.41 -13.35
C GLY C 64 2.36 -31.14 -13.29
N SER C 65 1.57 -31.02 -14.34
CA SER C 65 0.22 -31.59 -14.41
C SER C 65 0.12 -33.09 -14.19
N LEU C 66 1.25 -33.79 -14.29
CA LEU C 66 1.25 -35.20 -13.98
C LEU C 66 0.98 -35.45 -12.52
N SER C 67 1.35 -34.50 -11.68
CA SER C 67 0.98 -34.52 -10.27
C SER C 67 -0.50 -34.84 -10.01
N LYS C 68 -1.38 -34.46 -10.94
CA LYS C 68 -2.85 -34.67 -10.77
C LYS C 68 -3.24 -36.15 -10.63
N THR C 69 -2.44 -37.06 -11.18
CA THR C 69 -2.71 -38.47 -11.04
C THR C 69 -2.45 -39.01 -9.61
N LEU C 70 -1.48 -38.44 -8.92
CA LEU C 70 -1.25 -38.72 -7.51
C LEU C 70 -2.42 -38.17 -6.70
N THR C 71 -2.83 -36.93 -6.95
CA THR C 71 -3.96 -36.34 -6.29
C THR C 71 -5.19 -37.22 -6.44
N ALA C 72 -5.40 -37.76 -7.62
CA ALA C 72 -6.57 -38.55 -7.93
C ALA C 72 -6.47 -39.90 -7.27
N THR C 73 -5.27 -40.47 -7.25
CA THR C 73 -5.00 -41.70 -6.52
C THR C 73 -5.39 -41.54 -5.04
N LEU C 74 -4.88 -40.52 -4.36
CA LEU C 74 -5.19 -40.31 -2.95
C LEU C 74 -6.69 -40.11 -2.74
N ALA C 75 -7.30 -39.25 -3.53
CA ALA C 75 -8.76 -39.06 -3.50
C ALA C 75 -9.49 -40.42 -3.56
N SER C 76 -9.15 -41.23 -4.55
CA SER C 76 -9.72 -42.56 -4.73
C SER C 76 -9.50 -43.44 -3.49
N LEU C 77 -8.38 -43.25 -2.78
CA LEU C 77 -8.08 -44.06 -1.59
C LEU C 77 -8.97 -43.64 -0.43
N ALA C 78 -9.24 -42.34 -0.29
CA ALA C 78 -10.20 -41.88 0.72
C ALA C 78 -11.57 -42.50 0.46
N GLU C 79 -11.91 -42.66 -0.82
CA GLU C 79 -13.17 -43.24 -1.22
C GLU C 79 -13.22 -44.71 -0.85
N VAL C 80 -12.16 -45.45 -1.13
CA VAL C 80 -12.09 -46.87 -0.74
C VAL C 80 -12.25 -47.02 0.78
N GLU C 81 -11.54 -46.20 1.54
CA GLU C 81 -11.60 -46.24 3.01
C GLU C 81 -12.93 -45.74 3.58
N GLY C 82 -13.87 -45.37 2.72
CA GLY C 82 -15.20 -44.98 3.17
C GLY C 82 -15.26 -43.61 3.81
N LYS C 83 -14.20 -42.85 3.68
CA LYS C 83 -14.15 -41.49 4.22
C LYS C 83 -14.63 -40.43 3.21
N LEU C 84 -14.56 -40.74 1.93
CA LEU C 84 -15.01 -39.82 0.88
C LEU C 84 -15.97 -40.51 -0.09
N ASP C 85 -17.08 -39.85 -0.42
CA ASP C 85 -17.98 -40.34 -1.42
C ASP C 85 -17.80 -39.47 -2.63
N PHE C 86 -17.44 -40.10 -3.75
CA PHE C 86 -17.20 -39.36 -4.97
C PHE C 86 -18.46 -38.65 -5.53
N ASP C 87 -19.64 -39.23 -5.28
CA ASP C 87 -20.93 -38.69 -5.79
C ASP C 87 -21.51 -37.56 -4.93
N ALA C 88 -21.15 -37.49 -3.65
CA ALA C 88 -21.65 -36.46 -2.78
C ALA C 88 -21.12 -35.07 -3.17
N PRO C 89 -21.91 -34.01 -2.88
CA PRO C 89 -21.52 -32.59 -3.01
C PRO C 89 -20.22 -32.25 -2.30
N VAL C 90 -19.42 -31.37 -2.89
CA VAL C 90 -18.14 -31.00 -2.26
C VAL C 90 -18.33 -30.21 -0.93
N SER C 91 -19.34 -29.33 -0.85
CA SER C 91 -19.64 -28.60 0.42
C SER C 91 -19.86 -29.52 1.62
N ARG C 92 -20.17 -30.78 1.37
CA ARG C 92 -20.31 -31.78 2.43
C ARG C 92 -19.06 -31.91 3.29
N TYR C 93 -17.88 -31.98 2.67
CA TYR C 93 -16.64 -32.21 3.41
C TYR C 93 -15.94 -30.87 3.70
N LEU C 94 -16.27 -29.89 2.89
CA LEU C 94 -15.81 -28.53 3.04
C LEU C 94 -17.03 -27.67 3.29
N PRO C 95 -17.55 -27.71 4.52
CA PRO C 95 -18.80 -26.99 4.81
C PRO C 95 -18.66 -25.47 4.70
N GLU C 96 -17.45 -24.97 4.74
CA GLU C 96 -17.18 -23.56 4.42
C GLU C 96 -17.67 -23.13 3.03
N LEU C 97 -18.12 -24.09 2.21
CA LEU C 97 -18.65 -23.82 0.87
C LEU C 97 -20.15 -24.15 0.68
N GLU C 98 -20.85 -24.42 1.76
CA GLU C 98 -22.31 -24.58 1.69
C GLU C 98 -23.01 -23.31 1.14
N GLY C 99 -24.10 -23.49 0.41
CA GLY C 99 -24.81 -22.38 -0.23
C GLY C 99 -24.20 -21.85 -1.53
N SER C 100 -23.06 -22.42 -1.93
CA SER C 100 -22.41 -22.11 -3.19
C SER C 100 -22.76 -23.18 -4.24
N ALA C 101 -22.16 -23.04 -5.43
CA ALA C 101 -22.25 -24.00 -6.52
C ALA C 101 -21.77 -25.43 -6.18
N PHE C 102 -20.89 -25.53 -5.18
CA PHE C 102 -20.32 -26.80 -4.78
C PHE C 102 -21.23 -27.66 -3.89
N ASP C 103 -22.45 -27.20 -3.67
CA ASP C 103 -23.56 -28.05 -3.20
C ASP C 103 -24.07 -28.99 -4.33
N ASP C 104 -23.80 -28.64 -5.59
CA ASP C 104 -24.27 -29.41 -6.74
C ASP C 104 -23.14 -30.09 -7.53
N ILE C 105 -21.88 -29.91 -7.08
CA ILE C 105 -20.70 -30.47 -7.77
C ILE C 105 -20.08 -31.54 -6.90
N SER C 106 -19.74 -32.69 -7.51
CA SER C 106 -19.15 -33.81 -6.77
C SER C 106 -17.63 -33.90 -6.94
N GLY C 107 -16.99 -34.70 -6.09
CA GLY C 107 -15.58 -35.03 -6.21
C GLY C 107 -15.29 -35.71 -7.53
N LEU C 108 -16.23 -36.55 -7.98
CA LEU C 108 -16.11 -37.23 -9.27
C LEU C 108 -16.05 -36.24 -10.41
N ASN C 109 -16.87 -35.21 -10.33
CA ASN C 109 -16.85 -34.10 -11.28
C ASN C 109 -15.50 -33.41 -11.31
N LEU C 110 -14.92 -33.18 -10.13
CA LEU C 110 -13.61 -32.54 -10.01
C LEU C 110 -12.50 -33.39 -10.66
N GLY C 111 -12.55 -34.71 -10.45
CA GLY C 111 -11.50 -35.66 -10.91
C GLY C 111 -11.58 -36.00 -12.38
N THR C 112 -12.70 -35.63 -13.00
CA THR C 112 -12.90 -35.83 -14.44
C THR C 112 -13.05 -34.50 -15.18
N HIS C 113 -12.77 -33.39 -14.50
CA HIS C 113 -12.87 -32.04 -15.04
C HIS C 113 -14.26 -31.72 -15.58
N THR C 114 -15.29 -32.24 -14.94
CA THR C 114 -16.67 -31.91 -15.32
C THR C 114 -17.44 -31.07 -14.25
N GLY C 115 -16.68 -30.24 -13.52
CA GLY C 115 -17.24 -29.40 -12.46
C GLY C 115 -17.77 -28.04 -12.93
N GLY C 116 -18.71 -28.07 -13.85
CA GLY C 116 -19.45 -26.86 -14.15
C GLY C 116 -18.71 -25.72 -14.80
N GLY C 117 -17.61 -26.05 -15.42
CA GLY C 117 -16.84 -25.09 -16.21
C GLY C 117 -15.75 -24.41 -15.41
N LEU C 118 -15.35 -25.02 -14.29
CA LEU C 118 -14.28 -24.48 -13.48
C LEU C 118 -13.06 -24.20 -14.34
N PRO C 119 -12.52 -22.98 -14.27
CA PRO C 119 -11.49 -22.57 -15.19
C PRO C 119 -10.16 -23.31 -15.02
N LEU C 120 -9.28 -23.17 -16.02
CA LEU C 120 -7.94 -23.76 -16.05
C LEU C 120 -7.10 -23.28 -14.89
N PHE C 121 -6.88 -21.97 -14.80
CA PHE C 121 -5.90 -21.42 -13.86
C PHE C 121 -6.52 -20.79 -12.65
N VAL C 122 -5.71 -20.65 -11.62
CA VAL C 122 -6.10 -19.92 -10.43
C VAL C 122 -6.05 -18.46 -10.86
N PRO C 123 -7.12 -17.73 -10.58
CA PRO C 123 -7.05 -16.29 -10.94
C PRO C 123 -6.03 -15.49 -10.08
N ASP C 124 -5.57 -14.35 -10.58
CA ASP C 124 -4.63 -13.49 -9.86
C ASP C 124 -5.12 -13.01 -8.50
N GLU C 125 -6.39 -12.63 -8.42
CA GLU C 125 -7.02 -12.23 -7.13
C GLU C 125 -6.83 -13.26 -6.03
N VAL C 126 -6.81 -14.55 -6.39
CA VAL C 126 -6.65 -15.60 -5.38
C VAL C 126 -5.19 -15.85 -5.01
N THR C 127 -4.83 -15.46 -3.79
CA THR C 127 -3.44 -15.46 -3.35
C THR C 127 -3.17 -16.37 -2.16
N ASP C 128 -4.21 -17.03 -1.66
CA ASP C 128 -4.08 -17.97 -0.56
C ASP C 128 -5.37 -18.81 -0.39
N ARG C 129 -5.40 -19.67 0.63
CA ARG C 129 -6.52 -20.52 0.94
C ARG C 129 -7.80 -19.74 1.25
N ALA C 130 -7.72 -18.68 2.03
CA ALA C 130 -8.94 -17.90 2.39
C ALA C 130 -9.56 -17.19 1.18
N SER C 131 -8.74 -16.46 0.41
CA SER C 131 -9.21 -15.78 -0.84
C SER C 131 -9.64 -16.78 -1.90
N LEU C 132 -9.07 -17.98 -1.84
CA LEU C 132 -9.49 -19.09 -2.69
C LEU C 132 -10.90 -19.60 -2.31
N MET C 133 -11.13 -19.92 -1.04
CA MET C 133 -12.41 -20.44 -0.60
C MET C 133 -13.47 -19.39 -0.84
N ALA C 134 -13.12 -18.14 -0.68
CA ALA C 134 -14.02 -17.05 -0.96
C ALA C 134 -14.35 -17.03 -2.43
N TRP C 135 -13.34 -17.20 -3.28
CA TRP C 135 -13.56 -17.25 -4.72
C TRP C 135 -14.49 -18.39 -5.07
N TYR C 136 -14.21 -19.58 -4.54
CA TYR C 136 -15.10 -20.74 -4.75
C TYR C 136 -16.56 -20.46 -4.35
N ARG C 137 -16.76 -19.77 -3.24
N ARG C 137 -16.71 -19.82 -3.19
CA ARG C 137 -18.11 -19.42 -2.75
CA ARG C 137 -18.02 -19.64 -2.57
C ARG C 137 -18.90 -18.53 -3.72
C ARG C 137 -18.99 -18.78 -3.40
N GLU C 138 -18.21 -17.62 -4.40
N GLU C 138 -18.47 -17.91 -4.26
CA GLU C 138 -18.86 -16.64 -5.26
CA GLU C 138 -19.34 -17.08 -5.09
C GLU C 138 -19.11 -17.17 -6.65
C GLU C 138 -19.07 -17.16 -6.59
N TRP C 139 -18.39 -18.22 -7.05
CA TRP C 139 -18.20 -18.53 -8.51
C TRP C 139 -19.43 -19.15 -9.12
N GLN C 140 -19.79 -18.69 -10.31
CA GLN C 140 -21.00 -19.16 -11.00
C GLN C 140 -20.60 -20.09 -12.15
N PRO C 141 -21.14 -21.33 -12.18
CA PRO C 141 -20.89 -22.26 -13.29
C PRO C 141 -21.22 -21.70 -14.67
N THR C 142 -20.45 -22.09 -15.66
CA THR C 142 -20.61 -21.56 -17.01
C THR C 142 -20.88 -22.65 -18.01
N GLU C 143 -21.01 -23.88 -17.52
CA GLU C 143 -21.22 -25.03 -18.35
C GLU C 143 -22.00 -26.06 -17.52
N PRO C 144 -22.84 -26.86 -18.19
CA PRO C 144 -23.63 -27.86 -17.49
C PRO C 144 -22.82 -28.92 -16.73
N ILE C 145 -23.00 -28.95 -15.41
CA ILE C 145 -22.30 -29.86 -14.55
C ILE C 145 -22.50 -31.29 -15.00
N GLY C 146 -21.39 -32.01 -15.17
CA GLY C 146 -21.44 -33.42 -15.57
C GLY C 146 -21.69 -33.64 -17.04
N GLU C 147 -21.81 -32.56 -17.81
CA GLU C 147 -22.06 -32.70 -19.24
C GLU C 147 -21.03 -32.01 -20.12
N SER C 148 -20.02 -31.41 -19.49
CA SER C 148 -19.05 -30.60 -20.21
C SER C 148 -17.70 -30.70 -19.51
N ARG C 149 -16.63 -30.94 -20.28
CA ARG C 149 -15.27 -31.09 -19.70
C ARG C 149 -14.35 -29.89 -19.98
N THR C 150 -13.83 -29.30 -18.91
CA THR C 150 -12.87 -28.22 -19.02
C THR C 150 -11.74 -28.51 -18.04
N TYR C 151 -10.55 -28.72 -18.60
CA TYR C 151 -9.36 -29.05 -17.86
C TYR C 151 -9.15 -27.94 -16.88
N SER C 152 -8.98 -28.32 -15.61
CA SER C 152 -8.96 -27.31 -14.53
C SER C 152 -7.95 -27.63 -13.41
N ASN C 153 -7.08 -26.69 -13.09
CA ASN C 153 -6.29 -26.77 -11.88
C ASN C 153 -7.08 -26.41 -10.65
N LEU C 154 -7.95 -25.41 -10.77
CA LEU C 154 -8.92 -25.10 -9.73
C LEU C 154 -9.71 -26.35 -9.29
N GLY C 155 -10.08 -27.20 -10.23
CA GLY C 155 -10.91 -28.36 -9.90
C GLY C 155 -10.19 -29.54 -9.23
N ILE C 156 -9.06 -29.94 -9.78
CA ILE C 156 -8.29 -31.04 -9.23
C ILE C 156 -7.75 -30.62 -7.89
N GLY C 157 -7.41 -29.35 -7.79
CA GLY C 157 -6.92 -28.82 -6.52
C GLY C 157 -7.99 -28.88 -5.46
N LEU C 158 -9.22 -28.52 -5.84
CA LEU C 158 -10.32 -28.61 -4.92
C LEU C 158 -10.50 -30.05 -4.49
N LEU C 159 -10.40 -30.98 -5.43
CA LEU C 159 -10.48 -32.38 -5.08
C LEU C 159 -9.45 -32.75 -4.01
N GLY C 160 -8.27 -32.16 -4.05
CA GLY C 160 -7.22 -32.47 -3.08
C GLY C 160 -7.50 -31.85 -1.69
N LEU C 161 -8.10 -30.66 -1.68
CA LEU C 161 -8.55 -30.04 -0.42
C LEU C 161 -9.64 -30.90 0.21
N GLU C 162 -10.56 -31.37 -0.61
CA GLU C 162 -11.70 -32.15 -0.16
C GLU C 162 -11.24 -33.47 0.43
N THR C 163 -10.27 -34.07 -0.25
CA THR C 163 -9.69 -35.34 0.16
C THR C 163 -8.99 -35.17 1.50
N ALA C 164 -8.18 -34.11 1.61
CA ALA C 164 -7.47 -33.76 2.87
C ALA C 164 -8.41 -33.58 4.03
N ALA C 165 -9.48 -32.83 3.78
CA ALA C 165 -10.49 -32.54 4.79
C ALA C 165 -11.14 -33.84 5.27
N SER C 166 -11.49 -34.71 4.31
CA SER C 166 -12.23 -35.94 4.62
C SER C 166 -11.35 -36.95 5.37
N LEU C 167 -10.04 -36.85 5.20
CA LEU C 167 -9.08 -37.69 5.92
C LEU C 167 -8.56 -36.98 7.19
N ASP C 168 -9.07 -35.76 7.42
CA ASP C 168 -8.75 -34.96 8.60
C ASP C 168 -7.23 -34.78 8.75
N GLY C 169 -6.58 -34.37 7.68
CA GLY C 169 -5.11 -34.20 7.67
C GLY C 169 -4.74 -33.17 6.62
N GLU C 170 -3.47 -32.78 6.56
CA GLU C 170 -3.01 -31.85 5.51
C GLU C 170 -2.55 -32.64 4.29
N PHE C 171 -2.64 -31.99 3.13
CA PHE C 171 -2.47 -32.69 1.86
C PHE C 171 -1.17 -33.50 1.70
N VAL C 172 -0.04 -32.82 1.75
CA VAL C 172 1.22 -33.48 1.40
C VAL C 172 1.68 -34.57 2.38
N PRO C 173 1.56 -34.34 3.69
CA PRO C 173 1.95 -35.46 4.59
C PRO C 173 1.00 -36.65 4.53
N THR C 174 -0.29 -36.38 4.30
CA THR C 174 -1.22 -37.45 4.08
C THR C 174 -0.91 -38.20 2.80
N MET C 175 -0.58 -37.47 1.75
CA MET C 175 -0.14 -38.08 0.45
C MET C 175 1.10 -38.90 0.62
N ARG C 176 1.99 -38.42 1.48
CA ARG C 176 3.26 -39.13 1.69
C ARG C 176 3.06 -40.47 2.35
N ALA C 177 2.29 -40.49 3.41
CA ALA C 177 2.10 -41.71 4.19
C ALA C 177 1.23 -42.75 3.47
N LYS C 178 0.23 -42.28 2.74
CA LYS C 178 -0.79 -43.17 2.21
C LYS C 178 -0.60 -43.64 0.75
N VAL C 179 0.16 -42.91 -0.06
CA VAL C 179 0.40 -43.30 -1.45
C VAL C 179 1.88 -43.43 -1.74
N LEU C 180 2.65 -42.40 -1.45
CA LEU C 180 4.06 -42.37 -1.86
C LEU C 180 4.88 -43.43 -1.16
N ALA C 181 4.90 -43.35 0.18
CA ALA C 181 5.71 -44.27 1.00
C ALA C 181 5.34 -45.76 0.75
N PRO C 182 4.06 -46.10 0.84
CA PRO C 182 3.69 -47.49 0.47
C PRO C 182 4.17 -47.97 -0.93
N LEU C 183 4.22 -47.07 -1.91
CA LEU C 183 4.65 -47.40 -3.25
C LEU C 183 6.17 -47.40 -3.34
N GLY C 184 6.80 -46.88 -2.31
CA GLY C 184 8.25 -46.80 -2.29
C GLY C 184 8.80 -45.60 -3.02
N MET C 185 8.04 -44.52 -3.03
CA MET C 185 8.39 -43.35 -3.83
C MET C 185 9.00 -42.28 -2.93
N GLN C 186 10.24 -42.51 -2.54
CA GLN C 186 10.92 -41.63 -1.59
C GLN C 186 11.77 -40.59 -2.30
N ASP C 187 11.77 -40.60 -3.64
CA ASP C 187 12.44 -39.55 -4.42
C ASP C 187 11.41 -38.57 -5.00
N THR C 188 10.23 -38.58 -4.40
CA THR C 188 9.12 -37.79 -4.88
C THR C 188 8.89 -36.66 -3.88
N TRP C 189 9.03 -35.43 -4.32
CA TRP C 189 8.98 -34.31 -3.42
C TRP C 189 7.99 -33.29 -3.89
N TYR C 190 7.27 -32.74 -2.91
CA TYR C 190 6.48 -31.56 -3.10
C TYR C 190 7.34 -30.32 -2.86
N ASP C 191 8.11 -30.35 -1.79
CA ASP C 191 9.07 -29.28 -1.52
C ASP C 191 10.43 -29.92 -1.47
N VAL C 192 11.27 -29.58 -2.43
CA VAL C 192 12.59 -30.18 -2.51
C VAL C 192 13.50 -29.68 -1.37
N PRO C 193 13.98 -30.64 -0.54
CA PRO C 193 14.86 -30.32 0.59
C PRO C 193 16.18 -29.75 0.16
N GLU C 194 16.73 -28.84 0.99
CA GLU C 194 18.01 -28.20 0.73
C GLU C 194 19.12 -29.17 0.27
N ALA C 195 19.22 -30.32 0.92
CA ALA C 195 20.25 -31.32 0.61
C ALA C 195 20.24 -31.82 -0.84
N ARG C 196 19.04 -31.97 -1.41
CA ARG C 196 18.86 -32.54 -2.76
C ARG C 196 18.90 -31.50 -3.88
N MET C 197 18.99 -30.21 -3.56
CA MET C 197 18.88 -29.16 -4.59
C MET C 197 19.84 -29.32 -5.77
N ALA C 198 20.99 -29.95 -5.51
CA ALA C 198 21.95 -30.27 -6.56
C ALA C 198 21.45 -31.30 -7.54
N ASP C 199 20.53 -32.15 -7.10
CA ASP C 199 19.91 -33.15 -7.99
C ASP C 199 18.73 -32.60 -8.80
N TYR C 200 18.31 -31.37 -8.47
CA TYR C 200 17.11 -30.76 -9.04
C TYR C 200 17.44 -30.21 -10.44
N ALA C 201 16.96 -30.90 -11.47
CA ALA C 201 17.10 -30.43 -12.85
C ALA C 201 16.68 -28.99 -13.00
N MET C 202 17.38 -28.27 -13.88
CA MET C 202 16.99 -26.93 -14.23
C MET C 202 16.14 -27.08 -15.50
N GLY C 203 15.00 -26.39 -15.55
CA GLY C 203 14.10 -26.43 -16.71
C GLY C 203 14.44 -25.40 -17.78
N GLU C 204 13.78 -25.52 -18.93
CA GLU C 204 14.04 -24.65 -20.10
C GLU C 204 12.75 -24.44 -20.88
N ASP C 205 12.34 -23.19 -21.04
CA ASP C 205 11.12 -22.87 -21.78
C ASP C 205 11.33 -22.98 -23.32
N LYS C 206 10.32 -22.60 -24.08
CA LYS C 206 10.34 -22.75 -25.54
C LYS C 206 11.16 -21.68 -26.22
N ASP C 207 11.55 -20.63 -25.50
CA ASP C 207 12.53 -19.67 -26.03
C ASP C 207 13.98 -19.99 -25.58
N GLY C 208 14.16 -21.09 -24.84
CA GLY C 208 15.47 -21.55 -24.42
C GLY C 208 15.94 -20.94 -23.09
N GLN C 209 15.07 -20.30 -22.34
CA GLN C 209 15.46 -19.69 -21.07
C GLN C 209 15.37 -20.66 -19.90
N PRO C 210 16.37 -20.63 -19.00
CA PRO C 210 16.24 -21.30 -17.70
C PRO C 210 14.96 -20.89 -16.98
N THR C 211 14.26 -21.87 -16.44
CA THR C 211 13.09 -21.58 -15.63
C THR C 211 12.81 -22.75 -14.66
N ARG C 212 12.20 -22.40 -13.54
CA ARG C 212 11.89 -23.29 -12.44
C ARG C 212 10.52 -22.89 -11.92
N VAL C 213 9.68 -23.89 -11.64
CA VAL C 213 8.33 -23.61 -11.25
C VAL C 213 8.31 -22.69 -10.04
N SER C 214 7.34 -21.79 -9.98
CA SER C 214 7.20 -20.93 -8.81
C SER C 214 6.08 -21.48 -7.93
N PRO C 215 6.17 -21.24 -6.60
CA PRO C 215 4.99 -21.56 -5.75
C PRO C 215 3.77 -20.81 -6.21
N GLY C 216 2.62 -21.36 -5.85
CA GLY C 216 1.33 -20.77 -6.15
C GLY C 216 0.25 -21.51 -5.36
N VAL C 217 -0.97 -21.01 -5.46
CA VAL C 217 -2.05 -21.61 -4.78
C VAL C 217 -2.37 -22.93 -5.41
N LEU C 218 -2.62 -23.96 -4.59
CA LEU C 218 -2.89 -25.32 -5.07
C LEU C 218 -1.75 -25.94 -5.92
N ASP C 219 -0.54 -25.40 -5.84
CA ASP C 219 0.57 -26.01 -6.57
C ASP C 219 0.80 -27.48 -6.21
N ASP C 220 0.69 -27.82 -4.92
CA ASP C 220 0.83 -29.21 -4.46
C ASP C 220 -0.18 -30.10 -5.15
N GLU C 221 -1.45 -29.70 -5.06
CA GLU C 221 -2.53 -30.51 -5.50
C GLU C 221 -2.64 -30.64 -7.02
N ALA C 222 -2.15 -29.63 -7.74
CA ALA C 222 -2.30 -29.59 -9.22
C ALA C 222 -1.01 -29.90 -10.00
N TYR C 223 0.14 -29.38 -9.59
CA TYR C 223 1.28 -29.46 -10.47
C TYR C 223 2.61 -29.50 -9.77
N GLY C 224 2.61 -29.82 -8.50
CA GLY C 224 3.75 -29.48 -7.66
C GLY C 224 4.87 -30.50 -7.41
N ILE C 225 4.68 -31.73 -7.91
CA ILE C 225 5.61 -32.81 -7.64
C ILE C 225 6.89 -32.66 -8.47
N LYS C 226 8.03 -32.90 -7.82
CA LYS C 226 9.32 -33.10 -8.49
C LYS C 226 9.74 -34.54 -8.15
N THR C 227 10.09 -35.31 -9.15
CA THR C 227 10.35 -36.72 -8.92
C THR C 227 11.26 -37.27 -9.99
N THR C 228 11.64 -38.54 -9.81
CA THR C 228 12.44 -39.29 -10.76
C THR C 228 11.58 -40.19 -11.66
N ALA C 229 12.14 -40.58 -12.79
CA ALA C 229 11.42 -41.49 -13.70
C ALA C 229 11.10 -42.81 -13.02
N ALA C 230 12.03 -43.28 -12.21
CA ALA C 230 11.85 -44.58 -11.52
C ALA C 230 10.70 -44.54 -10.54
N ASP C 231 10.61 -43.44 -9.78
CA ASP C 231 9.51 -43.31 -8.81
C ASP C 231 8.17 -43.37 -9.51
N LEU C 232 8.06 -42.71 -10.66
CA LEU C 232 6.80 -42.76 -11.42
C LEU C 232 6.59 -44.13 -12.00
N ALA C 233 7.67 -44.81 -12.35
CA ALA C 233 7.57 -46.18 -12.81
C ALA C 233 6.95 -47.08 -11.75
N LYS C 234 7.22 -46.79 -10.49
CA LYS C 234 6.55 -47.47 -9.39
C LYS C 234 5.04 -47.25 -9.39
N LEU C 235 4.58 -46.07 -9.77
CA LEU C 235 3.13 -45.83 -9.88
C LEU C 235 2.57 -46.58 -11.06
N VAL C 236 3.25 -46.49 -12.19
CA VAL C 236 2.73 -47.14 -13.40
C VAL C 236 2.76 -48.66 -13.15
N ARG C 237 3.84 -49.15 -12.51
CA ARG C 237 3.96 -50.57 -12.17
C ARG C 237 2.75 -51.07 -11.40
N ALA C 238 2.32 -50.29 -10.42
CA ALA C 238 1.10 -50.57 -9.62
C ALA C 238 -0.17 -50.57 -10.46
N ASN C 239 -0.34 -49.53 -11.27
CA ASN C 239 -1.43 -49.47 -12.25
C ASN C 239 -1.49 -50.71 -13.17
N LEU C 240 -0.32 -51.21 -13.59
CA LEU C 240 -0.22 -52.40 -14.43
C LEU C 240 -0.19 -53.71 -13.63
N HIS C 241 -0.38 -53.62 -12.31
CA HIS C 241 -0.43 -54.80 -11.46
C HIS C 241 0.86 -55.59 -11.52
N LEU C 242 1.99 -54.89 -11.52
CA LEU C 242 3.30 -55.55 -11.44
C LEU C 242 4.01 -55.19 -10.14
N ALA C 243 3.28 -54.55 -9.22
CA ALA C 243 3.85 -54.14 -7.92
C ALA C 243 3.25 -54.93 -6.75
N ASP C 244 4.01 -54.96 -5.65
CA ASP C 244 3.51 -55.46 -4.36
C ASP C 244 3.01 -54.28 -3.54
N VAL C 245 1.70 -54.08 -3.52
CA VAL C 245 1.08 -53.04 -2.67
C VAL C 245 -0.13 -53.55 -1.89
N ASP C 246 -0.51 -52.77 -0.91
CA ASP C 246 -1.83 -52.68 -0.33
C ASP C 246 -2.94 -53.24 -1.14
N ALA C 247 -3.86 -53.95 -0.53
CA ALA C 247 -4.96 -54.36 -1.40
C ALA C 247 -5.86 -53.18 -1.64
N GLU C 248 -6.09 -52.36 -0.60
CA GLU C 248 -6.93 -51.14 -0.69
C GLU C 248 -6.32 -50.11 -1.66
N LEU C 249 -5.01 -49.89 -1.52
CA LEU C 249 -4.25 -48.97 -2.37
C LEU C 249 -4.31 -49.44 -3.82
N GLN C 250 -4.19 -50.75 -4.01
CA GLN C 250 -4.32 -51.36 -5.32
C GLN C 250 -5.72 -51.20 -5.89
N GLN C 251 -6.72 -51.31 -5.05
CA GLN C 251 -8.08 -51.07 -5.50
C GLN C 251 -8.30 -49.58 -5.79
N ALA C 252 -7.72 -48.73 -4.94
CA ALA C 252 -7.76 -47.26 -5.10
C ALA C 252 -7.12 -46.85 -6.43
N ILE C 253 -5.95 -47.44 -6.76
CA ILE C 253 -5.26 -47.23 -8.02
C ILE C 253 -6.05 -47.70 -9.24
N ASP C 254 -6.63 -48.90 -9.13
CA ASP C 254 -7.50 -49.46 -10.19
C ASP C 254 -8.75 -48.59 -10.46
N ALA C 255 -9.38 -48.12 -9.40
CA ALA C 255 -10.49 -47.22 -9.52
C ALA C 255 -10.13 -45.96 -10.30
N THR C 256 -8.89 -45.53 -10.28
CA THR C 256 -8.53 -44.30 -11.03
C THR C 256 -8.61 -44.55 -12.53
N ARG C 257 -8.67 -45.81 -12.96
CA ARG C 257 -8.73 -46.14 -14.41
C ARG C 257 -10.13 -46.49 -14.92
N GLN C 258 -11.12 -46.22 -14.07
CA GLN C 258 -12.54 -46.37 -14.45
C GLN C 258 -12.97 -45.26 -15.38
N GLY C 259 -13.44 -45.62 -16.55
CA GLY C 259 -14.01 -44.65 -17.48
C GLY C 259 -15.29 -44.03 -16.92
N HIS C 260 -15.29 -42.71 -16.74
CA HIS C 260 -16.43 -42.00 -16.16
C HIS C 260 -17.20 -41.17 -17.17
N TYR C 261 -16.55 -40.72 -18.24
CA TYR C 261 -17.24 -39.93 -19.26
C TYR C 261 -16.63 -40.16 -20.64
N ARG C 262 -17.46 -40.03 -21.65
CA ARG C 262 -16.96 -40.04 -23.03
C ARG C 262 -16.87 -38.60 -23.53
N VAL C 263 -15.79 -38.29 -24.24
CA VAL C 263 -15.47 -36.95 -24.70
C VAL C 263 -14.88 -37.05 -26.10
N GLY C 264 -15.77 -37.22 -27.08
CA GLY C 264 -15.38 -37.58 -28.46
C GLY C 264 -14.83 -38.98 -28.42
N ASP C 265 -13.59 -39.11 -28.88
CA ASP C 265 -12.90 -40.41 -28.94
C ASP C 265 -12.25 -40.79 -27.64
N MET C 266 -12.13 -39.81 -26.74
CA MET C 266 -11.39 -39.96 -25.51
C MET C 266 -12.32 -40.39 -24.38
N THR C 267 -11.87 -41.35 -23.58
CA THR C 267 -12.56 -41.67 -22.35
C THR C 267 -11.84 -41.07 -21.16
N GLN C 268 -12.58 -40.26 -20.41
CA GLN C 268 -12.02 -39.63 -19.21
C GLN C 268 -12.26 -40.52 -18.01
N ALA C 269 -11.16 -40.97 -17.40
CA ALA C 269 -11.23 -41.76 -16.19
C ALA C 269 -10.96 -40.79 -15.05
N LEU C 270 -10.40 -41.25 -13.93
CA LEU C 270 -10.04 -40.31 -12.88
C LEU C 270 -8.65 -39.63 -13.17
N ILE C 271 -8.72 -38.49 -13.86
CA ILE C 271 -7.57 -37.78 -14.42
C ILE C 271 -6.87 -38.55 -15.57
N TRP C 272 -6.53 -39.83 -15.40
CA TRP C 272 -6.03 -40.65 -16.52
C TRP C 272 -6.98 -40.51 -17.70
N GLU C 273 -6.46 -40.29 -18.91
CA GLU C 273 -7.28 -40.16 -20.10
C GLU C 273 -6.99 -41.38 -20.92
N GLN C 274 -7.99 -41.97 -21.55
CA GLN C 274 -7.72 -43.21 -22.33
C GLN C 274 -8.45 -43.34 -23.68
N TYR C 275 -7.95 -44.27 -24.49
CA TYR C 275 -8.46 -44.52 -25.85
C TYR C 275 -8.48 -46.06 -26.14
N SER C 276 -9.55 -46.57 -26.72
CA SER C 276 -9.54 -47.98 -27.13
C SER C 276 -8.57 -48.23 -28.29
N LEU C 277 -7.97 -49.43 -28.29
CA LEU C 277 -7.10 -49.89 -29.36
C LEU C 277 -7.87 -50.57 -30.44
N PRO C 278 -7.47 -50.39 -31.72
CA PRO C 278 -6.38 -49.53 -32.16
C PRO C 278 -6.73 -48.02 -32.13
N VAL C 279 -5.70 -47.20 -31.93
CA VAL C 279 -5.82 -45.75 -31.90
C VAL C 279 -4.75 -45.14 -32.82
N ALA C 280 -5.13 -44.11 -33.58
CA ALA C 280 -4.20 -43.40 -34.46
C ALA C 280 -3.49 -42.31 -33.72
N PRO C 281 -2.22 -42.10 -34.01
CA PRO C 281 -1.48 -41.04 -33.31
C PRO C 281 -2.14 -39.66 -33.39
N GLU C 282 -2.85 -39.44 -34.50
CA GLU C 282 -3.56 -38.19 -34.72
C GLU C 282 -4.68 -37.98 -33.70
N THR C 283 -5.30 -39.04 -33.25
CA THR C 283 -6.32 -38.91 -32.24
C THR C 283 -5.66 -38.48 -30.95
N LEU C 284 -4.52 -39.11 -30.70
CA LEU C 284 -3.73 -38.86 -29.52
C LEU C 284 -3.28 -37.40 -29.51
N ARG C 285 -2.79 -36.89 -30.64
CA ARG C 285 -2.43 -35.47 -30.75
C ARG C 285 -3.61 -34.54 -30.50
N ALA C 286 -4.78 -34.92 -31.05
CA ALA C 286 -5.98 -34.10 -30.91
C ALA C 286 -6.30 -33.96 -29.42
N GLY C 287 -6.15 -35.04 -28.66
CA GLY C 287 -6.39 -35.03 -27.23
C GLY C 287 -5.47 -34.17 -26.38
N GLN C 288 -4.35 -33.76 -26.94
CA GLN C 288 -3.46 -32.86 -26.25
C GLN C 288 -3.35 -31.53 -26.90
N GLY C 289 -4.31 -31.22 -27.77
CA GLY C 289 -4.31 -29.95 -28.45
C GLY C 289 -5.26 -28.90 -27.87
N TYR C 290 -5.19 -27.70 -28.45
CA TYR C 290 -6.01 -26.52 -28.04
C TYR C 290 -7.48 -26.83 -27.93
N ASP C 291 -8.03 -27.51 -28.91
CA ASP C 291 -9.47 -27.85 -28.91
C ASP C 291 -9.91 -28.66 -27.68
N MET C 292 -9.06 -29.54 -27.19
CA MET C 292 -9.40 -30.45 -26.10
C MET C 292 -9.04 -29.82 -24.77
N ILE C 293 -7.89 -29.16 -24.69
CA ILE C 293 -7.36 -28.68 -23.39
C ILE C 293 -7.78 -27.22 -23.06
N LEU C 294 -7.94 -26.35 -24.06
CA LEU C 294 -8.27 -24.97 -23.84
C LEU C 294 -9.75 -24.59 -24.12
N GLU C 295 -10.59 -25.59 -24.38
CA GLU C 295 -11.99 -25.35 -24.75
C GLU C 295 -12.81 -26.36 -23.99
N PRO C 296 -14.05 -25.99 -23.61
CA PRO C 296 -14.97 -26.94 -23.03
C PRO C 296 -15.45 -27.96 -24.08
N ASN C 297 -15.55 -29.23 -23.69
CA ASN C 297 -15.91 -30.26 -24.65
C ASN C 297 -17.06 -31.07 -24.11
N ALA C 298 -18.05 -31.33 -24.94
CA ALA C 298 -19.20 -32.11 -24.50
C ALA C 298 -18.81 -33.49 -23.88
N ALA C 299 -19.31 -33.77 -22.68
CA ALA C 299 -19.00 -35.01 -22.01
C ALA C 299 -20.28 -35.73 -21.65
N GLU C 300 -20.30 -37.03 -21.87
CA GLU C 300 -21.47 -37.86 -21.55
C GLU C 300 -21.08 -38.93 -20.51
N ALA C 301 -21.76 -38.95 -19.38
CA ALA C 301 -21.42 -39.84 -18.25
C ALA C 301 -21.55 -41.32 -18.53
N LEU C 302 -20.50 -42.05 -18.16
CA LEU C 302 -20.58 -43.47 -17.94
C LEU C 302 -21.04 -43.58 -16.49
N GLU C 303 -22.28 -44.06 -16.29
CA GLU C 303 -23.02 -43.92 -14.99
C GLU C 303 -23.20 -45.12 -14.03
N PRO C 304 -23.14 -46.38 -14.51
CA PRO C 304 -22.79 -47.31 -13.41
C PRO C 304 -21.40 -47.00 -12.81
N GLN C 306 -17.27 -47.75 -15.32
CA GLN C 306 -17.11 -48.84 -16.28
C GLN C 306 -15.74 -49.32 -15.84
N SER C 307 -15.61 -50.62 -15.65
CA SER C 307 -14.43 -51.18 -15.02
C SER C 307 -13.22 -50.90 -15.88
N PRO C 308 -12.03 -50.83 -15.25
CA PRO C 308 -10.81 -50.71 -16.02
C PRO C 308 -10.71 -51.72 -17.18
N ARG C 309 -10.45 -51.21 -18.38
CA ARG C 309 -10.32 -52.01 -19.57
C ARG C 309 -8.86 -52.46 -19.77
N ASP C 310 -8.70 -53.50 -20.58
CA ASP C 310 -7.38 -54.11 -20.84
C ASP C 310 -6.98 -53.98 -22.32
N ASP C 311 -7.71 -53.17 -23.08
CA ASP C 311 -7.49 -53.07 -24.54
C ASP C 311 -7.39 -51.60 -24.90
N VAL C 312 -6.53 -50.89 -24.18
CA VAL C 312 -6.57 -49.48 -24.20
C VAL C 312 -5.24 -48.75 -24.10
N TRP C 313 -5.14 -47.60 -24.76
CA TRP C 313 -4.06 -46.62 -24.54
C TRP C 313 -4.47 -45.61 -23.42
N VAL C 314 -3.81 -45.72 -22.26
CA VAL C 314 -4.02 -44.86 -21.13
C VAL C 314 -2.83 -43.92 -21.10
N ASN C 315 -3.07 -42.62 -21.05
CA ASN C 315 -1.97 -41.65 -20.99
C ASN C 315 -2.26 -40.38 -20.17
N LYS C 316 -1.22 -39.60 -19.97
CA LYS C 316 -1.29 -38.31 -19.29
C LYS C 316 -0.02 -37.48 -19.50
N THR C 317 -0.23 -36.23 -19.90
CA THR C 317 0.83 -35.26 -20.10
C THR C 317 1.05 -34.50 -18.83
N GLY C 318 2.27 -34.01 -18.64
CA GLY C 318 2.58 -33.10 -17.54
C GLY C 318 3.60 -32.07 -18.02
N SER C 319 3.28 -30.80 -17.82
CA SER C 319 4.19 -29.76 -18.23
C SER C 319 4.26 -28.69 -17.14
N THR C 320 5.44 -28.08 -17.05
CA THR C 320 5.59 -26.77 -16.44
C THR C 320 6.18 -25.90 -17.54
N GLN C 321 6.49 -24.66 -17.23
CA GLN C 321 7.12 -23.77 -18.17
C GLN C 321 8.41 -24.32 -18.67
N GLY C 322 9.14 -25.08 -17.85
CA GLY C 322 10.44 -25.62 -18.28
C GLY C 322 10.60 -27.14 -18.34
N PHE C 323 9.50 -27.89 -18.16
CA PHE C 323 9.57 -29.37 -18.15
C PHE C 323 8.45 -29.97 -18.97
N GLY C 324 8.69 -31.18 -19.44
CA GLY C 324 7.74 -31.86 -20.31
C GLY C 324 7.75 -33.33 -20.07
N GLY C 325 6.63 -33.85 -19.54
CA GLY C 325 6.54 -35.24 -19.18
C GLY C 325 5.35 -35.90 -19.79
N TYR C 326 5.37 -37.21 -19.87
CA TYR C 326 4.31 -37.99 -20.48
C TYR C 326 4.41 -39.42 -19.94
N ILE C 327 3.25 -40.02 -19.64
CA ILE C 327 3.15 -41.41 -19.22
C ILE C 327 2.17 -42.03 -20.16
N VAL C 328 2.47 -43.25 -20.58
CA VAL C 328 1.58 -44.06 -21.38
C VAL C 328 1.56 -45.49 -20.81
N MET C 329 0.38 -46.06 -20.72
CA MET C 329 0.20 -47.43 -20.21
C MET C 329 -0.66 -48.21 -21.20
N LEU C 330 -0.24 -49.44 -21.47
CA LEU C 330 -0.99 -50.40 -22.25
C LEU C 330 -1.27 -51.58 -21.31
N PRO C 331 -2.37 -51.50 -20.54
CA PRO C 331 -2.70 -52.53 -19.55
C PRO C 331 -2.72 -53.98 -20.10
N GLY C 332 -3.17 -54.16 -21.34
CA GLY C 332 -3.24 -55.46 -21.95
C GLY C 332 -1.88 -56.06 -22.26
N LYS C 333 -0.87 -55.24 -22.43
CA LYS C 333 0.48 -55.74 -22.66
C LYS C 333 1.34 -55.60 -21.43
N HIS C 334 0.74 -55.25 -20.30
CA HIS C 334 1.50 -54.94 -19.08
C HIS C 334 2.72 -54.06 -19.29
N THR C 335 2.55 -53.06 -20.15
CA THR C 335 3.63 -52.19 -20.59
C THR C 335 3.33 -50.72 -20.35
N GLY C 336 4.35 -50.00 -19.90
CA GLY C 336 4.25 -48.58 -19.66
C GLY C 336 5.51 -47.79 -19.99
N LEU C 337 5.36 -46.47 -20.18
CA LEU C 337 6.46 -45.59 -20.49
C LEU C 337 6.37 -44.31 -19.69
N VAL C 338 7.47 -43.91 -19.08
CA VAL C 338 7.53 -42.64 -18.41
C VAL C 338 8.68 -41.88 -19.09
N MET C 339 8.36 -40.73 -19.69
CA MET C 339 9.39 -39.90 -20.26
C MET C 339 9.33 -38.56 -19.56
N LEU C 340 10.39 -38.23 -18.85
CA LEU C 340 10.53 -36.94 -18.31
C LEU C 340 11.57 -36.16 -19.13
N ALA C 341 11.35 -34.84 -19.27
CA ALA C 341 12.28 -33.95 -19.95
C ALA C 341 12.34 -32.64 -19.22
N ASN C 342 13.51 -31.99 -19.22
CA ASN C 342 13.65 -30.62 -18.61
C ASN C 342 13.51 -29.54 -19.65
N LYS C 343 12.62 -29.76 -20.58
CA LYS C 343 12.22 -28.78 -21.55
C LYS C 343 10.74 -29.01 -21.76
N ASN C 344 9.96 -27.92 -21.85
CA ASN C 344 8.57 -28.07 -22.23
C ASN C 344 8.49 -28.15 -23.75
N TYR C 345 8.52 -29.37 -24.27
CA TYR C 345 8.52 -29.59 -25.71
C TYR C 345 7.12 -30.06 -26.12
N PRO C 346 6.74 -29.89 -27.40
CA PRO C 346 5.36 -29.99 -27.77
C PRO C 346 4.77 -31.36 -27.57
N ASN C 347 3.47 -31.38 -27.30
CA ASN C 347 2.75 -32.60 -27.04
C ASN C 347 2.78 -33.52 -28.25
N ASP C 348 2.81 -32.99 -29.47
CA ASP C 348 2.96 -33.82 -30.71
C ASP C 348 4.23 -34.59 -30.80
N ALA C 349 5.31 -34.02 -30.27
CA ALA C 349 6.57 -34.75 -30.20
C ALA C 349 6.51 -35.85 -29.13
N ARG C 350 5.70 -35.62 -28.12
CA ARG C 350 5.55 -36.59 -27.05
C ARG C 350 4.80 -37.83 -27.53
N VAL C 351 3.61 -37.62 -28.12
CA VAL C 351 2.81 -38.77 -28.56
C VAL C 351 3.62 -39.53 -29.63
N GLU C 352 4.25 -38.79 -30.54
CA GLU C 352 4.95 -39.47 -31.60
C GLU C 352 6.13 -40.31 -31.07
N ALA C 353 6.94 -39.76 -30.17
CA ALA C 353 8.07 -40.49 -29.61
C ALA C 353 7.57 -41.72 -28.86
N ALA C 354 6.53 -41.52 -28.06
CA ALA C 354 5.86 -42.61 -27.34
C ALA C 354 5.38 -43.69 -28.29
N TYR C 355 4.69 -43.30 -29.33
CA TYR C 355 4.11 -44.31 -30.26
C TYR C 355 5.23 -45.08 -30.96
N ARG C 356 6.23 -44.35 -31.44
CA ARG C 356 7.43 -44.94 -32.07
C ARG C 356 8.15 -45.92 -31.15
N ILE C 357 8.29 -45.54 -29.87
CA ILE C 357 8.91 -46.39 -28.88
C ILE C 357 8.16 -47.68 -28.70
N LEU C 358 6.87 -47.54 -28.42
CA LEU C 358 6.03 -48.69 -28.12
C LEU C 358 5.73 -49.59 -29.33
N SER C 359 5.66 -49.01 -30.53
CA SER C 359 5.50 -49.82 -31.76
C SER C 359 6.80 -50.54 -32.06
N GLY C 360 7.92 -49.84 -31.92
CA GLY C 360 9.24 -50.42 -32.12
C GLY C 360 9.51 -51.60 -31.19
N LEU C 361 8.86 -51.57 -30.03
CA LEU C 361 8.90 -52.69 -29.09
C LEU C 361 7.86 -53.78 -29.40
N GLY C 362 6.88 -53.45 -30.23
CA GLY C 362 5.85 -54.40 -30.61
C GLY C 362 4.69 -54.46 -29.63
N ALA C 363 4.59 -53.45 -28.78
CA ALA C 363 3.46 -53.34 -27.85
C ALA C 363 2.13 -52.86 -28.49
N ILE C 364 2.16 -52.26 -29.67
CA ILE C 364 0.93 -51.76 -30.29
C ILE C 364 0.80 -52.15 -31.75
N ASP C 365 -0.37 -52.69 -32.11
CA ASP C 365 -0.69 -53.14 -33.50
C ASP C 365 0.49 -53.71 -34.26
SR SR D . -10.70 -3.85 16.04
CL CL E . -3.53 -2.16 25.17
CA CA F . -2.61 60.99 -8.81
CL CL G . -6.37 48.92 9.72
CL CL H . -3.03 -22.47 -11.82
#